data_4PQX
#
_entry.id   4PQX
#
_cell.length_a   51.673
_cell.length_b   143.419
_cell.length_c   143.022
_cell.angle_alpha   90.000
_cell.angle_beta   90.000
_cell.angle_gamma   90.000
#
_symmetry.space_group_name_H-M   'P 21 21 21'
#
loop_
_entity.id
_entity.type
_entity.pdbx_description
1 polymer 'Uncharacterized protein'
2 non-polymer 1,2-ETHANEDIOL
3 non-polymer 'ISOPROPYL ALCOHOL'
4 non-polymer GLYCEROL
5 water water
#
_entity_poly.entity_id   1
_entity_poly.type   'polypeptide(L)'
_entity_poly.pdbx_seq_one_letter_code
;GDDNDHQSRSLVISTINQISEDSKEFYFTLDNGKT(MSE)FPSNSQAWGGEKFENGQRAFVIFNELEQPVNGYDYNIQVR
DITKVLTKEIVT(MSE)DDEENTEEKIGDDKINATY(MSE)WISKDKKYLTIEFQYYSTHSEDKKHFLNLVINNKEADSA
AENEDNTDDEYINLEFRHNSERDSPDHLGEGYVSFKLDKIEEQIEGKKGLNIRVRTLYDGIKNYKVQFP
;
_entity_poly.pdbx_strand_id   A,B,C,D
#
loop_
_chem_comp.id
_chem_comp.type
_chem_comp.name
_chem_comp.formula
EDO non-polymer 1,2-ETHANEDIOL 'C2 H6 O2'
GOL non-polymer GLYCEROL 'C3 H8 O3'
IPA non-polymer 'ISOPROPYL ALCOHOL' 'C3 H8 O'
#
# COMPACT_ATOMS: atom_id res chain seq x y z
N SER A 8 -1.38 -19.07 27.07
CA SER A 8 -1.41 -17.89 26.21
C SER A 8 -2.58 -17.93 25.25
N ARG A 9 -3.06 -16.75 24.82
CA ARG A 9 -4.21 -16.56 23.95
C ARG A 9 -4.00 -17.11 22.53
N SER A 10 -5.09 -17.59 21.94
CA SER A 10 -5.17 -18.09 20.58
C SER A 10 -6.35 -17.42 19.88
N LEU A 11 -6.27 -17.29 18.54
CA LEU A 11 -7.32 -16.71 17.71
C LEU A 11 -7.52 -17.57 16.48
N VAL A 12 -8.78 -17.85 16.14
CA VAL A 12 -9.19 -18.61 14.94
C VAL A 12 -10.51 -18.05 14.41
N ILE A 13 -10.82 -18.34 13.15
CA ILE A 13 -12.13 -18.20 12.55
C ILE A 13 -12.69 -19.65 12.56
N SER A 14 -13.97 -19.82 12.84
CA SER A 14 -14.55 -21.14 12.86
C SER A 14 -16.04 -21.08 12.60
N THR A 15 -16.67 -22.24 12.37
CA THR A 15 -18.11 -22.40 12.25
C THR A 15 -18.64 -22.83 13.62
N ILE A 16 -19.70 -22.19 14.10
CA ILE A 16 -20.37 -22.54 15.36
C ILE A 16 -21.38 -23.63 15.00
N ASN A 17 -21.26 -24.78 15.66
N ASN A 17 -21.28 -24.80 15.68
CA ASN A 17 -22.12 -25.93 15.40
CA ASN A 17 -22.17 -25.93 15.51
C ASN A 17 -23.19 -26.03 16.49
C ASN A 17 -22.77 -26.35 16.85
N GLN A 18 -24.46 -25.94 16.08
N GLN A 18 -24.06 -26.71 16.87
CA GLN A 18 -25.60 -26.03 16.98
CA GLN A 18 -24.80 -27.17 18.06
C GLN A 18 -26.57 -27.12 16.44
C GLN A 18 -24.47 -28.64 18.35
N ILE A 19 -26.25 -28.39 16.73
N ILE A 19 -24.32 -29.00 19.65
CA ILE A 19 -27.00 -29.54 16.23
CA ILE A 19 -24.02 -30.40 20.03
C ILE A 19 -27.77 -30.29 17.35
C ILE A 19 -25.32 -31.24 19.92
N SER A 20 -27.34 -30.16 18.63
N SER A 20 -26.48 -30.69 20.41
CA SER A 20 -27.97 -30.81 19.78
CA SER A 20 -27.80 -31.35 20.39
C SER A 20 -29.34 -30.18 20.09
C SER A 20 -29.00 -30.35 20.55
N GLU A 21 -30.21 -30.88 20.89
CA GLU A 21 -31.53 -30.30 21.21
C GLU A 21 -31.45 -29.05 22.10
N ASP A 22 -30.43 -28.99 23.02
CA ASP A 22 -30.17 -27.82 23.86
C ASP A 22 -29.41 -26.79 23.00
N SER A 23 -30.10 -25.69 22.64
CA SER A 23 -29.59 -24.61 21.80
C SER A 23 -28.43 -23.84 22.47
N LYS A 24 -28.23 -24.07 23.79
CA LYS A 24 -27.18 -23.44 24.60
C LYS A 24 -25.85 -24.22 24.44
N GLU A 25 -25.94 -25.50 24.00
CA GLU A 25 -24.79 -26.40 23.80
C GLU A 25 -24.27 -26.29 22.38
N PHE A 26 -23.01 -25.83 22.24
CA PHE A 26 -22.37 -25.65 20.93
C PHE A 26 -20.88 -26.00 20.98
N TYR A 27 -20.27 -26.18 19.79
CA TYR A 27 -18.85 -26.44 19.59
C TYR A 27 -18.38 -25.71 18.31
N PHE A 28 -17.06 -25.74 18.01
CA PHE A 28 -16.49 -25.06 16.85
C PHE A 28 -15.85 -26.02 15.86
N THR A 29 -16.01 -25.75 14.57
CA THR A 29 -15.33 -26.49 13.50
C THR A 29 -14.37 -25.51 12.80
N LEU A 30 -13.09 -25.88 12.74
CA LEU A 30 -12.07 -25.07 12.07
C LEU A 30 -12.05 -25.40 10.59
N ASP A 31 -11.51 -24.49 9.75
CA ASP A 31 -11.49 -24.67 8.30
C ASP A 31 -10.61 -25.83 7.81
N ASN A 32 -9.84 -26.48 8.71
CA ASN A 32 -9.05 -27.68 8.40
C ASN A 32 -9.84 -28.96 8.79
N GLY A 33 -11.07 -28.77 9.30
CA GLY A 33 -11.95 -29.86 9.69
C GLY A 33 -11.88 -30.24 11.15
N LYS A 34 -10.87 -29.74 11.88
CA LYS A 34 -10.69 -30.03 13.29
C LYS A 34 -11.77 -29.33 14.14
N THR A 35 -12.12 -29.92 15.30
CA THR A 35 -13.16 -29.38 16.18
C THR A 35 -12.60 -28.96 17.52
N MSE A 36 -13.23 -27.95 18.14
CA MSE A 36 -12.91 -27.40 19.47
C MSE A 36 -14.12 -27.50 20.38
O MSE A 36 -15.21 -27.09 19.99
CB MSE A 36 -12.43 -25.94 19.38
CG MSE A 36 -11.27 -25.75 18.40
SE MSE A 36 -10.46 -23.99 18.57
CE MSE A 36 -11.93 -22.95 18.17
N PHE A 37 -13.91 -28.04 21.59
CA PHE A 37 -14.95 -28.16 22.60
C PHE A 37 -14.83 -27.01 23.59
N PRO A 38 -15.84 -26.10 23.67
CA PRO A 38 -15.74 -24.97 24.62
C PRO A 38 -16.19 -25.39 26.01
N SER A 39 -15.25 -25.51 26.95
CA SER A 39 -15.54 -25.95 28.32
C SER A 39 -16.43 -24.96 29.09
N ASN A 40 -16.54 -23.71 28.61
CA ASN A 40 -17.32 -22.65 29.24
C ASN A 40 -18.38 -22.07 28.28
N SER A 41 -18.96 -22.89 27.36
CA SER A 41 -19.99 -22.45 26.40
C SER A 41 -21.26 -21.90 27.10
N GLN A 42 -21.54 -22.37 28.35
CA GLN A 42 -22.67 -21.92 29.19
C GLN A 42 -22.67 -20.40 29.39
N ALA A 43 -21.47 -19.76 29.45
CA ALA A 43 -21.29 -18.31 29.61
C ALA A 43 -21.92 -17.53 28.47
N TRP A 44 -22.10 -18.16 27.30
CA TRP A 44 -22.75 -17.56 26.11
C TRP A 44 -24.22 -18.03 26.02
N GLY A 45 -24.77 -18.47 27.17
CA GLY A 45 -26.13 -18.96 27.35
C GLY A 45 -27.26 -18.04 26.92
N GLY A 46 -27.06 -16.73 27.13
CA GLY A 46 -28.01 -15.71 26.71
C GLY A 46 -27.92 -15.41 25.23
N GLU A 47 -26.76 -15.72 24.63
CA GLU A 47 -26.47 -15.52 23.21
C GLU A 47 -26.84 -16.80 22.44
N LYS A 48 -28.03 -16.82 21.81
CA LYS A 48 -28.40 -17.99 21.01
C LYS A 48 -27.71 -17.89 19.66
N PHE A 49 -26.74 -18.79 19.40
CA PHE A 49 -26.01 -18.86 18.14
C PHE A 49 -26.73 -19.78 17.18
N GLU A 50 -26.84 -19.36 15.93
CA GLU A 50 -27.46 -20.16 14.88
C GLU A 50 -26.48 -21.20 14.37
N ASN A 51 -26.97 -22.40 14.03
CA ASN A 51 -26.12 -23.44 13.49
C ASN A 51 -25.56 -22.96 12.14
N GLY A 52 -24.24 -22.98 12.02
CA GLY A 52 -23.54 -22.55 10.82
C GLY A 52 -22.96 -21.16 10.92
N GLN A 53 -23.24 -20.46 12.04
CA GLN A 53 -22.71 -19.12 12.29
C GLN A 53 -21.19 -19.13 12.28
N ARG A 54 -20.58 -18.16 11.57
CA ARG A 54 -19.14 -18.00 11.52
C ARG A 54 -18.75 -16.97 12.57
N ALA A 55 -17.56 -17.15 13.14
CA ALA A 55 -17.09 -16.28 14.21
C ALA A 55 -15.59 -16.34 14.41
N PHE A 56 -15.03 -15.26 14.95
CA PHE A 56 -13.63 -15.23 15.38
C PHE A 56 -13.69 -15.60 16.84
N VAL A 57 -12.85 -16.53 17.26
CA VAL A 57 -12.84 -17.00 18.64
C VAL A 57 -11.48 -16.75 19.25
N ILE A 58 -11.47 -16.06 20.39
CA ILE A 58 -10.28 -15.84 21.21
C ILE A 58 -10.43 -16.83 22.35
N PHE A 59 -9.40 -17.64 22.58
CA PHE A 59 -9.47 -18.71 23.58
C PHE A 59 -8.12 -19.09 24.11
N ASN A 60 -8.15 -19.92 25.16
CA ASN A 60 -6.99 -20.56 25.78
C ASN A 60 -7.18 -22.07 25.59
N GLU A 61 -6.19 -22.72 25.01
CA GLU A 61 -6.24 -24.15 24.80
C GLU A 61 -5.92 -24.86 26.11
N LEU A 62 -6.82 -25.74 26.56
CA LEU A 62 -6.66 -26.48 27.82
C LEU A 62 -5.83 -27.74 27.57
N GLU A 63 -5.03 -28.15 28.57
CA GLU A 63 -4.13 -29.32 28.47
C GLU A 63 -4.91 -30.63 28.43
N GLN A 64 -6.00 -30.74 29.21
CA GLN A 64 -6.81 -31.96 29.28
C GLN A 64 -7.65 -32.16 28.00
N PRO A 65 -7.57 -33.34 27.34
CA PRO A 65 -8.42 -33.56 26.16
C PRO A 65 -9.85 -33.95 26.56
N VAL A 66 -10.80 -33.68 25.65
CA VAL A 66 -12.22 -34.02 25.75
C VAL A 66 -12.47 -34.98 24.58
N ASN A 67 -13.00 -36.19 24.89
CA ASN A 67 -13.25 -37.25 23.93
CA ASN A 67 -13.27 -37.25 23.93
C ASN A 67 -14.19 -36.77 22.81
N GLY A 68 -13.80 -37.09 21.57
CA GLY A 68 -14.53 -36.72 20.37
C GLY A 68 -14.24 -35.37 19.78
N TYR A 69 -13.38 -34.57 20.42
CA TYR A 69 -12.98 -33.22 19.96
C TYR A 69 -11.48 -33.13 19.86
N ASP A 70 -10.98 -32.36 18.88
CA ASP A 70 -9.53 -32.23 18.69
C ASP A 70 -8.93 -31.31 19.74
N TYR A 71 -9.63 -30.22 20.08
CA TYR A 71 -9.21 -29.25 21.09
C TYR A 71 -10.24 -29.12 22.22
N ASN A 72 -9.75 -28.83 23.43
CA ASN A 72 -10.53 -28.52 24.61
C ASN A 72 -10.13 -27.09 24.96
N ILE A 73 -11.08 -26.16 24.86
CA ILE A 73 -10.73 -24.75 25.00
C ILE A 73 -11.58 -24.01 26.06
N GLN A 74 -10.99 -22.93 26.59
CA GLN A 74 -11.60 -21.96 27.49
C GLN A 74 -11.78 -20.70 26.64
N VAL A 75 -13.03 -20.42 26.24
CA VAL A 75 -13.33 -19.30 25.36
C VAL A 75 -13.22 -17.98 26.13
N ARG A 76 -12.63 -16.97 25.48
CA ARG A 76 -12.44 -15.62 26.05
C ARG A 76 -13.35 -14.64 25.32
N ASP A 77 -13.53 -14.83 24.02
CA ASP A 77 -14.37 -13.97 23.20
C ASP A 77 -14.85 -14.68 21.95
N ILE A 78 -16.11 -14.42 21.57
CA ILE A 78 -16.75 -14.87 20.34
C ILE A 78 -17.25 -13.59 19.63
N THR A 79 -16.71 -13.30 18.43
CA THR A 79 -17.13 -12.15 17.63
C THR A 79 -17.63 -12.71 16.33
N LYS A 80 -18.94 -12.52 16.07
CA LYS A 80 -19.58 -13.04 14.87
C LYS A 80 -19.00 -12.42 13.61
N VAL A 81 -18.89 -13.27 12.56
CA VAL A 81 -18.49 -12.91 11.22
C VAL A 81 -19.75 -13.00 10.40
N LEU A 82 -20.07 -11.92 9.63
CA LEU A 82 -21.24 -11.89 8.76
C LEU A 82 -21.27 -13.18 7.91
N THR A 83 -22.34 -13.98 8.09
CA THR A 83 -22.55 -15.27 7.45
C THR A 83 -23.80 -15.16 6.60
N LYS A 84 -23.66 -15.42 5.30
CA LYS A 84 -24.76 -15.27 4.36
C LYS A 84 -24.85 -16.41 3.36
N GLU A 85 -26.03 -16.57 2.79
CA GLU A 85 -26.32 -17.50 1.72
C GLU A 85 -25.98 -16.84 0.39
N ILE A 86 -25.71 -17.66 -0.65
CA ILE A 86 -25.49 -17.17 -2.01
C ILE A 86 -26.85 -16.63 -2.51
N VAL A 87 -26.84 -15.54 -3.29
CA VAL A 87 -28.05 -14.97 -3.89
C VAL A 87 -28.16 -15.60 -5.27
N THR A 88 -29.13 -16.48 -5.42
CA THR A 88 -29.34 -17.24 -6.65
C THR A 88 -30.02 -16.38 -7.73
N MSE A 89 -30.05 -16.88 -8.98
CA MSE A 89 -30.65 -16.22 -10.16
C MSE A 89 -32.15 -15.95 -9.98
O MSE A 89 -32.63 -14.88 -10.39
CB MSE A 89 -30.44 -17.09 -11.41
CG MSE A 89 -29.05 -17.05 -12.01
SE MSE A 89 -29.10 -17.84 -13.81
CE MSE A 89 -27.19 -18.30 -14.03
N ASP A 90 -32.89 -16.93 -9.41
CA ASP A 90 -34.35 -16.93 -9.19
C ASP A 90 -34.82 -15.97 -8.07
N ASP A 91 -33.89 -15.50 -7.18
CA ASP A 91 -34.18 -14.59 -6.06
CA ASP A 91 -34.18 -14.59 -6.06
C ASP A 91 -34.76 -13.26 -6.56
N GLU A 92 -35.85 -12.78 -5.90
CA GLU A 92 -36.52 -11.52 -6.26
C GLU A 92 -35.74 -10.31 -5.75
N GLU A 93 -34.80 -10.55 -4.83
CA GLU A 93 -33.90 -9.56 -4.24
C GLU A 93 -32.64 -9.44 -5.10
N ASN A 94 -32.44 -10.39 -6.04
CA ASN A 94 -31.31 -10.41 -6.99
C ASN A 94 -31.58 -9.40 -8.12
N THR A 95 -31.70 -8.10 -7.77
CA THR A 95 -31.85 -7.02 -8.75
C THR A 95 -30.59 -6.19 -8.67
N GLU A 96 -30.17 -5.60 -9.80
CA GLU A 96 -28.99 -4.73 -9.86
C GLU A 96 -29.07 -3.59 -8.83
N GLU A 97 -30.26 -3.00 -8.67
CA GLU A 97 -30.52 -1.88 -7.77
C GLU A 97 -30.32 -2.31 -6.30
N LYS A 98 -30.88 -3.46 -5.88
CA LYS A 98 -30.74 -3.94 -4.49
C LYS A 98 -29.31 -4.44 -4.19
N ILE A 99 -28.74 -5.25 -5.10
CA ILE A 99 -27.41 -5.86 -4.94
C ILE A 99 -26.30 -4.79 -5.02
N GLY A 100 -26.43 -3.86 -5.96
CA GLY A 100 -25.46 -2.79 -6.17
C GLY A 100 -24.19 -3.25 -6.84
N ASP A 101 -23.31 -2.31 -7.23
CA ASP A 101 -22.05 -2.66 -7.86
C ASP A 101 -20.97 -1.62 -7.54
N ASP A 102 -20.84 -1.31 -6.25
CA ASP A 102 -19.84 -0.38 -5.73
C ASP A 102 -18.49 -1.11 -5.60
N LYS A 103 -17.40 -0.35 -5.57
CA LYS A 103 -16.06 -0.89 -5.52
C LYS A 103 -15.75 -1.57 -4.21
N ILE A 104 -14.96 -2.65 -4.29
CA ILE A 104 -14.55 -3.41 -3.12
C ILE A 104 -13.30 -4.20 -3.48
N ASN A 105 -12.40 -4.34 -2.53
CA ASN A 105 -11.21 -5.18 -2.71
C ASN A 105 -11.42 -6.50 -1.99
N ALA A 106 -11.05 -7.61 -2.63
CA ALA A 106 -11.02 -8.95 -2.04
C ALA A 106 -9.54 -9.16 -1.76
N THR A 107 -9.12 -8.78 -0.54
CA THR A 107 -7.75 -8.83 -0.04
CA THR A 107 -7.71 -8.85 -0.17
C THR A 107 -7.25 -10.28 0.05
N TYR A 108 -8.10 -11.17 0.56
CA TYR A 108 -7.77 -12.58 0.78
C TYR A 108 -9.03 -13.43 0.79
N MSE A 109 -9.00 -14.57 0.10
CA MSE A 109 -10.15 -15.49 0.00
C MSE A 109 -9.74 -16.95 0.15
O MSE A 109 -8.69 -17.34 -0.34
CB MSE A 109 -10.86 -15.30 -1.35
CG MSE A 109 -11.44 -13.92 -1.55
SE MSE A 109 -12.62 -13.84 -3.06
CE MSE A 109 -11.37 -13.91 -4.46
N TRP A 110 -10.56 -17.74 0.83
CA TRP A 110 -10.28 -19.19 0.98
C TRP A 110 -11.58 -19.95 1.23
N ILE A 111 -11.59 -21.19 0.79
CA ILE A 111 -12.72 -22.10 0.98
C ILE A 111 -12.31 -23.09 2.08
N SER A 112 -13.23 -23.40 3.02
CA SER A 112 -12.99 -24.37 4.10
C SER A 112 -12.83 -25.79 3.51
N LYS A 113 -12.13 -26.71 4.23
CA LYS A 113 -11.86 -28.08 3.79
C LYS A 113 -13.13 -28.82 3.34
N ASP A 114 -14.24 -28.68 4.10
CA ASP A 114 -15.54 -29.31 3.85
C ASP A 114 -16.31 -28.64 2.66
N LYS A 115 -15.74 -27.56 2.06
CA LYS A 115 -16.29 -26.79 0.92
C LYS A 115 -17.64 -26.14 1.28
N LYS A 116 -17.87 -25.84 2.57
CA LYS A 116 -19.12 -25.27 3.06
C LYS A 116 -19.09 -23.74 3.04
N TYR A 117 -17.90 -23.15 3.08
CA TYR A 117 -17.76 -21.68 3.15
C TYR A 117 -16.71 -21.13 2.24
N LEU A 118 -16.99 -19.94 1.74
CA LEU A 118 -16.04 -19.08 1.07
C LEU A 118 -15.92 -17.88 1.99
N THR A 119 -14.72 -17.63 2.53
CA THR A 119 -14.52 -16.47 3.38
C THR A 119 -13.71 -15.44 2.61
N ILE A 120 -14.09 -14.17 2.76
CA ILE A 120 -13.44 -13.06 2.10
C ILE A 120 -13.02 -12.02 3.12
N GLU A 121 -11.74 -11.67 3.08
CA GLU A 121 -11.21 -10.53 3.80
C GLU A 121 -11.28 -9.42 2.77
N PHE A 122 -12.01 -8.38 3.06
CA PHE A 122 -12.27 -7.32 2.10
C PHE A 122 -11.87 -5.96 2.64
N GLN A 123 -11.74 -5.00 1.74
CA GLN A 123 -11.44 -3.61 2.07
C GLN A 123 -12.29 -2.73 1.21
N TYR A 124 -12.84 -1.68 1.81
CA TYR A 124 -13.60 -0.67 1.07
C TYR A 124 -13.53 0.65 1.83
N TYR A 125 -13.98 1.73 1.17
CA TYR A 125 -14.04 3.07 1.74
C TYR A 125 -15.43 3.35 2.27
N SER A 126 -15.52 3.89 3.49
CA SER A 126 -16.79 4.23 4.15
C SER A 126 -16.61 5.43 5.09
N THR A 127 -17.70 5.83 5.76
CA THR A 127 -17.69 6.92 6.73
C THR A 127 -17.51 6.34 8.14
N HIS A 128 -17.50 4.99 8.24
CA HIS A 128 -17.34 4.21 9.48
C HIS A 128 -18.43 4.60 10.48
N SER A 129 -19.70 4.52 10.07
CA SER A 129 -20.85 4.84 10.91
C SER A 129 -21.85 3.68 10.94
N GLU A 130 -22.39 3.37 12.15
CA GLU A 130 -23.36 2.30 12.39
C GLU A 130 -24.69 2.58 11.66
N ASP A 131 -25.01 3.88 11.50
CA ASP A 131 -26.20 4.37 10.80
C ASP A 131 -26.19 3.99 9.30
N LYS A 132 -25.01 3.95 8.64
CA LYS A 132 -24.92 3.60 7.22
C LYS A 132 -24.25 2.21 7.06
N LYS A 133 -25.11 1.21 6.83
CA LYS A 133 -24.74 -0.17 6.65
C LYS A 133 -24.51 -0.45 5.17
N HIS A 134 -23.45 -1.21 4.89
CA HIS A 134 -23.06 -1.65 3.56
C HIS A 134 -23.61 -3.06 3.37
N PHE A 135 -23.94 -3.40 2.12
CA PHE A 135 -24.56 -4.66 1.77
C PHE A 135 -23.60 -5.49 0.91
N LEU A 136 -23.20 -6.67 1.41
CA LEU A 136 -22.28 -7.58 0.73
C LEU A 136 -23.00 -8.82 0.33
N ASN A 137 -22.75 -9.31 -0.89
CA ASN A 137 -23.41 -10.51 -1.40
C ASN A 137 -22.51 -11.34 -2.30
N LEU A 138 -22.81 -12.64 -2.40
CA LEU A 138 -22.17 -13.59 -3.32
C LEU A 138 -23.29 -14.03 -4.21
N VAL A 139 -23.26 -13.57 -5.45
CA VAL A 139 -24.37 -13.68 -6.39
C VAL A 139 -24.06 -14.56 -7.60
N ILE A 140 -25.09 -15.28 -8.07
CA ILE A 140 -25.12 -16.02 -9.33
C ILE A 140 -25.80 -15.02 -10.28
N ASN A 141 -25.08 -14.51 -11.30
CA ASN A 141 -25.65 -13.50 -12.20
C ASN A 141 -26.77 -14.06 -13.09
N ASN A 142 -27.90 -13.32 -13.14
CA ASN A 142 -29.03 -13.67 -14.00
C ASN A 142 -29.02 -12.73 -15.24
N LYS A 143 -28.49 -13.24 -16.39
CA LYS A 143 -28.38 -12.51 -17.65
C LYS A 143 -28.20 -13.47 -18.82
N ASP A 153 -13.91 -17.59 -24.80
CA ASP A 153 -14.35 -18.81 -24.12
C ASP A 153 -14.05 -18.76 -22.62
N ASN A 154 -15.06 -19.09 -21.78
CA ASN A 154 -14.94 -19.09 -20.31
C ASN A 154 -14.81 -20.51 -19.74
N THR A 155 -14.14 -20.61 -18.56
CA THR A 155 -13.84 -21.83 -17.83
C THR A 155 -14.99 -22.22 -16.84
N ASP A 156 -16.26 -22.13 -17.32
CA ASP A 156 -17.49 -22.44 -16.58
C ASP A 156 -17.57 -23.93 -16.19
N ASP A 157 -16.81 -24.80 -16.89
CA ASP A 157 -16.77 -26.24 -16.65
C ASP A 157 -15.76 -26.62 -15.54
N GLU A 158 -14.84 -25.70 -15.16
CA GLU A 158 -13.83 -25.94 -14.13
C GLU A 158 -14.08 -25.11 -12.88
N TYR A 159 -14.51 -23.84 -13.07
CA TYR A 159 -14.77 -22.89 -11.99
C TYR A 159 -16.20 -22.39 -12.05
N ILE A 160 -16.87 -22.31 -10.88
CA ILE A 160 -18.24 -21.82 -10.78
C ILE A 160 -18.17 -20.29 -10.66
N ASN A 161 -18.80 -19.59 -11.60
CA ASN A 161 -18.80 -18.12 -11.66
C ASN A 161 -19.75 -17.53 -10.63
N LEU A 162 -19.20 -16.70 -9.75
CA LEU A 162 -19.94 -15.95 -8.73
C LEU A 162 -19.47 -14.51 -8.72
N GLU A 163 -20.28 -13.60 -8.19
CA GLU A 163 -19.91 -12.19 -8.10
C GLU A 163 -19.98 -11.72 -6.66
N PHE A 164 -18.86 -11.19 -6.15
CA PHE A 164 -18.79 -10.63 -4.81
C PHE A 164 -19.14 -9.16 -4.96
N ARG A 165 -20.43 -8.85 -4.74
CA ARG A 165 -20.99 -7.53 -4.93
C ARG A 165 -21.07 -6.71 -3.65
N HIS A 166 -20.97 -5.38 -3.80
CA HIS A 166 -21.01 -4.43 -2.72
C HIS A 166 -21.97 -3.31 -3.03
N ASN A 167 -22.88 -3.03 -2.08
CA ASN A 167 -23.77 -1.90 -2.14
C ASN A 167 -23.39 -1.00 -0.97
N SER A 168 -22.77 0.14 -1.26
CA SER A 168 -22.31 1.09 -0.25
C SER A 168 -23.46 1.96 0.26
N GLU A 169 -24.65 1.85 -0.37
CA GLU A 169 -25.88 2.55 -0.02
C GLU A 169 -25.67 4.06 0.07
N ARG A 170 -24.91 4.60 -0.91
CA ARG A 170 -24.59 6.02 -1.12
C ARG A 170 -23.62 6.56 -0.05
N ASP A 171 -23.01 5.70 0.78
CA ASP A 171 -22.06 6.14 1.80
C ASP A 171 -20.82 6.77 1.17
N SER A 172 -20.36 7.92 1.70
CA SER A 172 -19.18 8.59 1.17
C SER A 172 -17.93 7.71 1.36
N PRO A 173 -17.13 7.52 0.29
CA PRO A 173 -15.96 6.66 0.39
C PRO A 173 -14.79 7.41 1.03
N ASP A 174 -14.91 7.74 2.32
CA ASP A 174 -13.95 8.58 3.03
C ASP A 174 -12.75 7.85 3.64
N HIS A 175 -12.97 6.71 4.31
CA HIS A 175 -11.90 6.02 5.01
C HIS A 175 -11.87 4.55 4.68
N LEU A 176 -10.66 4.04 4.48
CA LEU A 176 -10.43 2.63 4.20
C LEU A 176 -10.61 1.82 5.49
N GLY A 177 -11.30 0.71 5.36
CA GLY A 177 -11.57 -0.21 6.45
C GLY A 177 -11.53 -1.63 5.92
N GLU A 178 -11.30 -2.59 6.82
CA GLU A 178 -11.20 -4.00 6.50
C GLU A 178 -12.24 -4.77 7.28
N GLY A 179 -12.63 -5.91 6.76
CA GLY A 179 -13.57 -6.79 7.43
C GLY A 179 -13.54 -8.18 6.82
N TYR A 180 -14.42 -9.04 7.33
CA TYR A 180 -14.59 -10.41 6.88
C TYR A 180 -16.05 -10.71 6.65
N VAL A 181 -16.31 -11.54 5.65
CA VAL A 181 -17.65 -12.03 5.31
C VAL A 181 -17.45 -13.47 4.89
N SER A 182 -18.33 -14.35 5.36
CA SER A 182 -18.30 -15.76 5.08
C SER A 182 -19.59 -16.15 4.40
N PHE A 183 -19.49 -16.78 3.24
CA PHE A 183 -20.67 -17.20 2.50
C PHE A 183 -20.82 -18.70 2.50
N LYS A 184 -22.03 -19.18 2.81
CA LYS A 184 -22.39 -20.60 2.75
C LYS A 184 -22.43 -21.00 1.29
N LEU A 185 -21.83 -22.14 0.92
CA LEU A 185 -21.81 -22.58 -0.48
C LEU A 185 -22.86 -23.63 -0.79
N ASP A 186 -23.80 -23.88 0.14
CA ASP A 186 -24.82 -24.92 0.01
C ASP A 186 -25.75 -24.75 -1.21
N LYS A 187 -25.97 -23.51 -1.68
CA LYS A 187 -26.88 -23.31 -2.82
C LYS A 187 -26.22 -23.72 -4.17
N ILE A 188 -24.89 -23.98 -4.18
CA ILE A 188 -24.16 -24.44 -5.38
C ILE A 188 -23.49 -25.82 -5.12
N GLU A 189 -23.90 -26.51 -4.01
CA GLU A 189 -23.38 -27.80 -3.55
CA GLU A 189 -23.39 -27.81 -3.54
C GLU A 189 -23.36 -28.86 -4.66
N GLU A 190 -24.41 -28.92 -5.50
CA GLU A 190 -24.51 -29.89 -6.58
C GLU A 190 -23.47 -29.67 -7.68
N GLN A 191 -23.08 -28.41 -7.91
CA GLN A 191 -22.14 -28.01 -8.95
C GLN A 191 -20.68 -28.19 -8.53
N ILE A 192 -20.39 -28.20 -7.22
CA ILE A 192 -19.04 -28.29 -6.64
C ILE A 192 -18.32 -29.59 -7.09
N GLU A 193 -19.06 -30.69 -7.16
CA GLU A 193 -18.56 -32.01 -7.57
C GLU A 193 -18.02 -31.94 -9.02
N GLY A 194 -16.71 -32.18 -9.16
CA GLY A 194 -16.00 -32.17 -10.44
C GLY A 194 -15.45 -30.84 -10.89
N LYS A 195 -15.43 -29.83 -10.00
CA LYS A 195 -14.93 -28.49 -10.32
C LYS A 195 -13.67 -28.18 -9.51
N LYS A 196 -12.75 -27.37 -10.08
CA LYS A 196 -11.50 -26.98 -9.43
C LYS A 196 -11.75 -25.96 -8.30
N GLY A 197 -12.71 -25.07 -8.51
CA GLY A 197 -13.04 -24.05 -7.52
C GLY A 197 -14.09 -23.07 -7.97
N LEU A 198 -13.96 -21.83 -7.48
CA LEU A 198 -14.87 -20.73 -7.78
C LEU A 198 -14.18 -19.61 -8.52
N ASN A 199 -14.88 -18.95 -9.44
CA ASN A 199 -14.38 -17.80 -10.15
C ASN A 199 -15.16 -16.57 -9.65
N ILE A 200 -14.49 -15.70 -8.90
CA ILE A 200 -15.13 -14.56 -8.24
C ILE A 200 -14.88 -13.24 -8.98
N ARG A 201 -15.97 -12.65 -9.51
CA ARG A 201 -15.93 -11.35 -10.17
C ARG A 201 -15.95 -10.28 -9.07
N VAL A 202 -14.99 -9.34 -9.14
CA VAL A 202 -14.88 -8.25 -8.17
C VAL A 202 -14.66 -6.93 -8.91
N ARG A 203 -15.45 -5.89 -8.57
CA ARG A 203 -15.19 -4.54 -9.08
C ARG A 203 -14.24 -3.94 -8.05
N THR A 204 -12.93 -4.05 -8.32
CA THR A 204 -11.87 -3.67 -7.38
C THR A 204 -11.83 -2.17 -7.09
N LEU A 205 -11.11 -1.81 -6.02
CA LEU A 205 -10.97 -0.43 -5.59
C LEU A 205 -10.18 0.42 -6.61
N TYR A 206 -9.11 -0.13 -7.22
CA TYR A 206 -8.26 0.64 -8.13
C TYR A 206 -7.99 0.03 -9.51
N ASP A 207 -8.38 -1.23 -9.77
CA ASP A 207 -7.99 -1.90 -11.01
C ASP A 207 -9.14 -2.41 -11.91
N GLY A 208 -10.33 -1.85 -11.77
CA GLY A 208 -11.47 -2.28 -12.58
C GLY A 208 -12.00 -3.65 -12.20
N ILE A 209 -12.71 -4.30 -13.13
CA ILE A 209 -13.27 -5.61 -12.90
C ILE A 209 -12.20 -6.68 -13.04
N LYS A 210 -12.05 -7.50 -11.98
CA LYS A 210 -11.12 -8.64 -11.92
C LYS A 210 -11.89 -9.91 -11.63
N ASN A 211 -11.37 -11.05 -12.11
CA ASN A 211 -11.95 -12.38 -11.86
C ASN A 211 -10.90 -13.22 -11.16
N TYR A 212 -11.16 -13.56 -9.90
CA TYR A 212 -10.22 -14.32 -9.09
C TYR A 212 -10.64 -15.76 -8.93
N LYS A 213 -9.73 -16.69 -9.24
CA LYS A 213 -9.98 -18.12 -9.09
C LYS A 213 -9.57 -18.55 -7.68
N VAL A 214 -10.53 -19.16 -6.94
CA VAL A 214 -10.35 -19.66 -5.59
C VAL A 214 -10.51 -21.17 -5.65
N GLN A 215 -9.43 -21.89 -5.33
CA GLN A 215 -9.39 -23.35 -5.40
C GLN A 215 -10.06 -24.01 -4.20
N PHE A 216 -10.74 -25.14 -4.47
CA PHE A 216 -11.28 -25.99 -3.41
C PHE A 216 -10.10 -26.70 -2.75
N PRO A 217 -9.99 -26.75 -1.39
CA PRO A 217 -8.85 -27.46 -0.76
C PRO A 217 -8.80 -28.97 -1.09
N SER B 8 35.89 0.75 19.98
CA SER B 8 34.43 0.78 20.14
C SER B 8 33.78 -0.40 19.40
N ARG B 9 32.60 -0.81 19.89
CA ARG B 9 31.82 -1.94 19.42
C ARG B 9 31.31 -1.78 17.99
N SER B 10 31.26 -2.93 17.30
CA SER B 10 30.72 -3.07 15.96
C SER B 10 29.70 -4.18 15.95
N LEU B 11 28.72 -4.09 15.04
CA LEU B 11 27.68 -5.10 14.84
C LEU B 11 27.54 -5.35 13.35
N VAL B 12 27.46 -6.64 12.96
CA VAL B 12 27.25 -7.13 11.58
C VAL B 12 26.45 -8.42 11.62
N ILE B 13 25.89 -8.79 10.47
CA ILE B 13 25.29 -10.08 10.20
C ILE B 13 26.33 -10.79 9.29
N SER B 14 26.51 -12.10 9.45
CA SER B 14 27.47 -12.82 8.63
C SER B 14 27.16 -14.29 8.63
N THR B 15 27.88 -15.05 7.77
CA THR B 15 27.83 -16.51 7.67
C THR B 15 29.00 -17.07 8.47
N ILE B 16 28.74 -18.09 9.32
CA ILE B 16 29.81 -18.75 10.07
C ILE B 16 30.35 -19.84 9.15
N ASN B 17 31.64 -19.73 8.85
N ASN B 17 31.68 -19.93 8.99
CA ASN B 17 32.33 -20.64 7.95
CA ASN B 17 32.34 -20.98 8.19
C ASN B 17 33.09 -21.66 8.77
C ASN B 17 33.60 -21.46 8.89
N GLN B 18 32.75 -22.93 8.58
N GLN B 18 33.86 -22.79 8.88
CA GLN B 18 33.35 -24.08 9.25
CA GLN B 18 35.08 -23.35 9.52
C GLN B 18 33.81 -25.07 8.16
C GLN B 18 36.32 -23.11 8.66
N ILE B 19 34.97 -24.79 7.54
N ILE B 19 37.46 -22.91 9.31
CA ILE B 19 35.49 -25.59 6.44
CA ILE B 19 38.76 -22.69 8.66
C ILE B 19 36.73 -26.41 6.84
C ILE B 19 39.25 -24.05 8.09
N SER B 20 37.49 -25.98 7.88
N SER B 20 39.10 -25.17 8.86
CA SER B 20 38.70 -26.66 8.36
CA SER B 20 39.50 -26.54 8.45
C SER B 20 38.35 -27.99 9.05
C SER B 20 38.78 -27.67 9.28
N GLU B 21 39.34 -28.90 9.24
CA GLU B 21 39.02 -30.19 9.91
C GLU B 21 38.66 -30.04 11.41
N ASP B 22 39.28 -29.03 12.09
CA ASP B 22 38.97 -28.69 13.48
C ASP B 22 37.67 -27.86 13.46
N SER B 23 36.57 -28.47 13.94
CA SER B 23 35.21 -27.89 14.00
C SER B 23 35.14 -26.69 14.98
N LYS B 24 36.19 -26.51 15.81
CA LYS B 24 36.30 -25.41 16.79
C LYS B 24 36.85 -24.12 16.11
N GLU B 25 37.53 -24.31 14.95
CA GLU B 25 38.14 -23.22 14.17
C GLU B 25 37.14 -22.69 13.14
N PHE B 26 36.75 -21.41 13.26
CA PHE B 26 35.80 -20.78 12.33
C PHE B 26 36.14 -19.32 12.05
N TYR B 27 35.57 -18.76 10.98
CA TYR B 27 35.71 -17.36 10.57
C TYR B 27 34.34 -16.87 10.06
N PHE B 28 34.22 -15.56 9.77
CA PHE B 28 32.96 -14.98 9.32
C PHE B 28 33.05 -14.38 7.91
N THR B 29 31.98 -14.50 7.12
CA THR B 29 31.88 -13.92 5.77
C THR B 29 30.73 -12.92 5.77
N LEU B 30 31.06 -11.65 5.50
CA LEU B 30 30.11 -10.56 5.44
C LEU B 30 29.37 -10.62 4.12
N ASP B 31 28.16 -10.01 4.05
CA ASP B 31 27.32 -10.06 2.85
C ASP B 31 27.91 -9.30 1.66
N ASN B 32 29.02 -8.56 1.84
CA ASN B 32 29.76 -7.87 0.77
C ASN B 32 30.95 -8.74 0.29
N GLY B 33 31.09 -9.94 0.88
CA GLY B 33 32.13 -10.91 0.55
C GLY B 33 33.39 -10.80 1.38
N LYS B 34 33.49 -9.75 2.22
CA LYS B 34 34.64 -9.53 3.08
C LYS B 34 34.62 -10.55 4.24
N THR B 35 35.80 -10.96 4.71
CA THR B 35 35.93 -11.96 5.76
C THR B 35 36.50 -11.36 7.03
N MSE B 36 36.12 -11.94 8.19
CA MSE B 36 36.65 -11.54 9.49
C MSE B 36 37.21 -12.75 10.19
O MSE B 36 36.55 -13.79 10.26
CB MSE B 36 35.60 -10.87 10.38
CG MSE B 36 34.67 -9.87 9.66
SE MSE B 36 33.56 -8.89 10.92
CE MSE B 36 32.46 -10.27 11.44
N PHE B 37 38.45 -12.64 10.67
CA PHE B 37 39.14 -13.65 11.46
C PHE B 37 38.90 -13.37 12.96
N PRO B 38 38.23 -14.28 13.69
CA PRO B 38 38.00 -14.06 15.12
C PRO B 38 39.21 -14.53 15.92
N SER B 39 39.98 -13.58 16.50
CA SER B 39 41.19 -13.90 17.26
C SER B 39 40.90 -14.69 18.55
N ASN B 40 39.65 -14.72 19.01
CA ASN B 40 39.23 -15.42 20.22
C ASN B 40 38.10 -16.44 19.94
N SER B 41 38.07 -17.07 18.74
CA SER B 41 37.05 -18.07 18.35
C SER B 41 37.07 -19.29 19.30
N GLN B 42 38.23 -19.62 19.93
CA GLN B 42 38.38 -20.72 20.89
C GLN B 42 37.35 -20.63 22.03
N ALA B 43 37.01 -19.39 22.47
CA ALA B 43 36.03 -19.10 23.54
C ALA B 43 34.66 -19.67 23.23
N TRP B 44 34.33 -19.88 21.94
CA TRP B 44 33.08 -20.48 21.48
C TRP B 44 33.26 -21.99 21.16
N GLY B 45 34.32 -22.61 21.68
CA GLY B 45 34.63 -24.02 21.48
C GLY B 45 33.44 -24.93 21.78
N GLY B 46 32.89 -24.79 22.99
CA GLY B 46 31.73 -25.54 23.46
C GLY B 46 30.50 -25.40 22.58
N GLU B 47 30.42 -24.27 21.86
CA GLU B 47 29.34 -23.97 20.94
C GLU B 47 29.77 -24.46 19.54
N LYS B 48 29.26 -25.63 19.13
CA LYS B 48 29.58 -26.18 17.83
C LYS B 48 28.71 -25.48 16.78
N PHE B 49 29.32 -24.59 15.98
CA PHE B 49 28.62 -23.89 14.91
C PHE B 49 28.66 -24.70 13.63
N GLU B 50 27.50 -24.81 12.97
CA GLU B 50 27.38 -25.51 11.70
C GLU B 50 27.86 -24.59 10.59
N ASN B 51 28.54 -25.17 9.57
CA ASN B 51 29.01 -24.39 8.41
CA ASN B 51 28.98 -24.43 8.39
C ASN B 51 27.77 -23.83 7.71
N GLY B 52 27.76 -22.52 7.53
CA GLY B 52 26.64 -21.83 6.88
C GLY B 52 25.67 -21.20 7.84
N GLN B 53 25.90 -21.35 9.15
CA GLN B 53 25.06 -20.73 10.19
C GLN B 53 25.15 -19.23 10.07
N ARG B 54 23.99 -18.57 10.12
CA ARG B 54 23.94 -17.12 10.07
C ARG B 54 23.87 -16.57 11.49
N ALA B 55 24.52 -15.44 11.73
CA ALA B 55 24.58 -14.88 13.08
C ALA B 55 24.83 -13.40 13.07
N PHE B 56 24.44 -12.76 14.17
CA PHE B 56 24.72 -11.35 14.47
C PHE B 56 25.94 -11.36 15.36
N VAL B 57 26.99 -10.67 14.94
CA VAL B 57 28.26 -10.64 15.65
C VAL B 57 28.51 -9.25 16.22
N ILE B 58 28.74 -9.17 17.53
CA ILE B 58 29.18 -7.97 18.23
C ILE B 58 30.67 -8.19 18.45
N PHE B 59 31.49 -7.23 18.02
CA PHE B 59 32.94 -7.36 18.09
C PHE B 59 33.64 -6.03 18.15
N ASN B 60 34.95 -6.10 18.39
CA ASN B 60 35.88 -4.99 18.36
C ASN B 60 36.88 -5.30 17.27
N GLU B 61 37.03 -4.37 16.33
CA GLU B 61 37.96 -4.52 15.22
C GLU B 61 39.37 -4.25 15.74
N LEU B 62 40.29 -5.21 15.56
CA LEU B 62 41.67 -5.07 16.01
C LEU B 62 42.50 -4.37 14.94
N GLU B 63 43.51 -3.58 15.37
CA GLU B 63 44.36 -2.79 14.49
C GLU B 63 45.31 -3.68 13.67
N GLN B 64 45.84 -4.76 14.28
CA GLN B 64 46.79 -5.68 13.63
C GLN B 64 46.08 -6.55 12.57
N PRO B 65 46.57 -6.59 11.31
CA PRO B 65 45.92 -7.47 10.33
C PRO B 65 46.40 -8.93 10.47
N VAL B 66 45.58 -9.86 9.95
CA VAL B 66 45.76 -11.32 9.85
C VAL B 66 45.67 -11.61 8.34
N ASN B 67 46.72 -12.22 7.76
CA ASN B 67 46.82 -12.42 6.32
C ASN B 67 45.75 -13.37 5.78
N GLY B 68 45.13 -12.94 4.69
CA GLY B 68 44.07 -13.67 4.05
C GLY B 68 42.68 -13.31 4.51
N TYR B 69 42.55 -12.47 5.58
CA TYR B 69 41.28 -12.00 6.14
C TYR B 69 41.21 -10.47 6.05
N ASP B 70 40.05 -9.92 5.70
CA ASP B 70 39.86 -8.47 5.57
C ASP B 70 39.90 -7.77 6.92
N TYR B 71 39.32 -8.40 7.96
CA TYR B 71 39.32 -7.88 9.33
C TYR B 71 39.84 -8.89 10.30
N ASN B 72 40.45 -8.41 11.37
CA ASN B 72 40.93 -9.17 12.52
C ASN B 72 40.10 -8.64 13.68
N ILE B 73 39.28 -9.51 14.28
CA ILE B 73 38.35 -9.04 15.28
C ILE B 73 38.44 -9.82 16.61
N GLN B 74 38.01 -9.14 17.70
CA GLN B 74 37.85 -9.68 19.03
C GLN B 74 36.35 -9.78 19.23
N VAL B 75 35.81 -11.01 19.20
CA VAL B 75 34.36 -11.25 19.29
C VAL B 75 33.89 -11.01 20.72
N ARG B 76 32.73 -10.36 20.86
CA ARG B 76 32.10 -10.07 22.14
C ARG B 76 30.85 -10.89 22.30
N ASP B 77 30.11 -11.10 21.20
CA ASP B 77 28.89 -11.87 21.21
C ASP B 77 28.56 -12.42 19.82
N ILE B 78 28.05 -13.66 19.81
CA ILE B 78 27.53 -14.36 18.64
C ILE B 78 26.08 -14.76 18.98
N THR B 79 25.12 -14.24 18.23
CA THR B 79 23.68 -14.54 18.38
C THR B 79 23.22 -15.10 17.07
N LYS B 80 22.84 -16.38 17.06
CA LYS B 80 22.40 -17.06 15.84
C LYS B 80 21.12 -16.46 15.28
N VAL B 81 21.05 -16.45 13.93
CA VAL B 81 19.92 -16.01 13.13
C VAL B 81 19.34 -17.28 12.54
N LEU B 82 18.02 -17.50 12.69
CA LEU B 82 17.34 -18.65 12.12
C LEU B 82 17.76 -18.82 10.67
N THR B 83 18.39 -19.96 10.36
CA THR B 83 18.93 -20.29 9.05
C THR B 83 18.21 -21.53 8.55
N LYS B 84 17.55 -21.41 7.39
CA LYS B 84 16.73 -22.49 6.84
C LYS B 84 16.95 -22.70 5.36
N GLU B 85 16.59 -23.88 4.89
CA GLU B 85 16.59 -24.26 3.49
C GLU B 85 15.25 -23.87 2.87
N ILE B 86 15.23 -23.68 1.55
CA ILE B 86 13.99 -23.42 0.80
C ILE B 86 13.16 -24.73 0.84
N VAL B 87 11.83 -24.59 0.92
CA VAL B 87 10.92 -25.73 0.90
C VAL B 87 10.51 -25.91 -0.55
N THR B 88 11.01 -26.98 -1.18
CA THR B 88 10.79 -27.30 -2.60
C THR B 88 9.36 -27.83 -2.84
N MSE B 89 8.98 -27.93 -4.12
CA MSE B 89 7.66 -28.43 -4.56
C MSE B 89 7.43 -29.90 -4.17
O MSE B 89 6.31 -30.26 -3.78
CB MSE B 89 7.54 -28.31 -6.10
CG MSE B 89 7.25 -26.91 -6.62
SE MSE B 89 6.67 -27.00 -8.49
CE MSE B 89 7.11 -25.19 -9.08
N ASP B 90 8.49 -30.75 -4.30
CA ASP B 90 8.46 -32.19 -4.04
C ASP B 90 8.44 -32.57 -2.53
N ASP B 91 8.71 -31.58 -1.61
CA ASP B 91 8.71 -31.80 -0.16
CA ASP B 91 8.71 -31.79 -0.15
C ASP B 91 7.30 -32.23 0.33
N GLU B 92 7.24 -33.27 1.20
CA GLU B 92 5.97 -33.78 1.74
C GLU B 92 5.44 -32.89 2.86
N GLU B 93 6.30 -32.00 3.37
CA GLU B 93 5.98 -31.01 4.41
C GLU B 93 5.48 -29.72 3.75
N ASN B 94 5.63 -29.60 2.41
CA ASN B 94 5.15 -28.48 1.59
C ASN B 94 3.62 -28.63 1.37
N THR B 95 2.84 -28.61 2.47
CA THR B 95 1.38 -28.64 2.39
C THR B 95 0.89 -27.30 2.90
N GLU B 96 -0.22 -26.79 2.35
CA GLU B 96 -0.83 -25.53 2.76
C GLU B 96 -1.07 -25.49 4.28
N GLU B 97 -1.55 -26.62 4.85
CA GLU B 97 -1.87 -26.76 6.27
C GLU B 97 -0.62 -26.62 7.16
N LYS B 98 0.48 -27.31 6.82
CA LYS B 98 1.74 -27.24 7.58
C LYS B 98 2.46 -25.88 7.40
N ILE B 99 2.57 -25.39 6.15
CA ILE B 99 3.28 -24.16 5.82
C ILE B 99 2.50 -22.93 6.35
N GLY B 100 1.18 -22.97 6.23
CA GLY B 100 0.30 -21.89 6.67
C GLY B 100 0.36 -20.66 5.76
N ASP B 101 -0.55 -19.70 6.00
CA ASP B 101 -0.57 -18.48 5.20
C ASP B 101 -1.08 -17.32 6.04
N ASP B 102 -0.49 -17.16 7.23
CA ASP B 102 -0.80 -16.08 8.14
C ASP B 102 -0.07 -14.81 7.71
N LYS B 103 -0.56 -13.66 8.14
CA LYS B 103 0.01 -12.36 7.76
C LYS B 103 1.39 -12.13 8.35
N ILE B 104 2.22 -11.47 7.56
CA ILE B 104 3.58 -11.12 7.96
C ILE B 104 4.07 -9.96 7.11
N ASN B 105 4.84 -9.06 7.72
CA ASN B 105 5.45 -7.98 6.99
C ASN B 105 6.91 -8.30 6.74
N ALA B 106 7.38 -8.06 5.51
CA ALA B 106 8.78 -8.15 5.13
C ALA B 106 9.26 -6.71 5.12
N THR B 107 9.79 -6.27 6.26
CA THR B 107 10.24 -4.88 6.51
C THR B 107 11.46 -4.52 5.65
N TYR B 108 12.38 -5.47 5.50
CA TYR B 108 13.62 -5.27 4.73
C TYR B 108 14.18 -6.61 4.29
N MSE B 109 14.60 -6.70 3.03
CA MSE B 109 15.16 -7.93 2.43
C MSE B 109 16.35 -7.61 1.56
O MSE B 109 16.37 -6.60 0.86
CB MSE B 109 14.11 -8.65 1.57
CG MSE B 109 12.85 -9.06 2.34
SE MSE B 109 11.72 -10.27 1.32
CE MSE B 109 11.05 -9.03 0.10
N TRP B 110 17.33 -8.51 1.57
CA TRP B 110 18.52 -8.42 0.72
C TRP B 110 19.12 -9.80 0.53
N ILE B 111 19.90 -9.96 -0.55
CA ILE B 111 20.62 -11.17 -0.91
C ILE B 111 22.12 -10.87 -0.74
N SER B 112 22.89 -11.82 -0.18
CA SER B 112 24.34 -11.67 0.01
C SER B 112 25.05 -11.66 -1.38
N LYS B 113 26.24 -11.04 -1.46
CA LYS B 113 27.01 -10.91 -2.72
C LYS B 113 27.23 -12.26 -3.41
N ASP B 114 27.54 -13.32 -2.63
CA ASP B 114 27.76 -14.68 -3.13
C ASP B 114 26.44 -15.39 -3.59
N LYS B 115 25.26 -14.73 -3.39
CA LYS B 115 23.91 -15.22 -3.75
C LYS B 115 23.55 -16.52 -2.98
N LYS B 116 24.14 -16.71 -1.79
CA LYS B 116 23.92 -17.90 -0.97
C LYS B 116 22.75 -17.71 0.00
N TYR B 117 22.40 -16.46 0.34
CA TYR B 117 21.35 -16.18 1.30
C TYR B 117 20.43 -15.08 0.89
N LEU B 118 19.17 -15.22 1.31
CA LEU B 118 18.16 -14.19 1.32
C LEU B 118 17.85 -13.95 2.78
N THR B 119 18.05 -12.73 3.27
CA THR B 119 17.73 -12.43 4.65
C THR B 119 16.54 -11.50 4.68
N ILE B 120 15.65 -11.76 5.64
CA ILE B 120 14.43 -10.98 5.81
C ILE B 120 14.31 -10.48 7.24
N GLU B 121 14.16 -9.17 7.36
CA GLU B 121 13.77 -8.49 8.58
C GLU B 121 12.24 -8.50 8.49
N PHE B 122 11.56 -9.12 9.44
CA PHE B 122 10.12 -9.26 9.40
C PHE B 122 9.47 -8.73 10.65
N GLN B 123 8.14 -8.53 10.58
CA GLN B 123 7.32 -8.09 11.68
C GLN B 123 6.02 -8.82 11.62
N TYR B 124 5.54 -9.27 12.77
CA TYR B 124 4.23 -9.90 12.88
C TYR B 124 3.72 -9.70 14.31
N TYR B 125 2.44 -9.98 14.53
CA TYR B 125 1.80 -9.89 15.84
C TYR B 125 1.77 -11.27 16.48
N SER B 126 2.11 -11.33 17.78
CA SER B 126 2.11 -12.57 18.57
C SER B 126 1.80 -12.30 20.04
N THR B 127 1.79 -13.33 20.87
CA THR B 127 1.56 -13.23 22.30
C THR B 127 2.91 -13.18 23.03
N HIS B 128 4.03 -13.33 22.26
CA HIS B 128 5.40 -13.33 22.73
C HIS B 128 5.59 -14.38 23.84
N SER B 129 5.23 -15.64 23.54
CA SER B 129 5.35 -16.75 24.48
C SER B 129 6.14 -17.90 23.85
N GLU B 130 7.03 -18.53 24.66
CA GLU B 130 7.89 -19.64 24.25
C GLU B 130 7.07 -20.87 23.92
N ASP B 131 5.90 -21.03 24.58
CA ASP B 131 4.94 -22.11 24.38
C ASP B 131 4.35 -22.10 22.95
N LYS B 132 4.14 -20.90 22.35
CA LYS B 132 3.58 -20.82 21.00
C LYS B 132 4.63 -20.32 20.00
N LYS B 133 5.16 -21.29 19.24
CA LYS B 133 6.19 -21.08 18.25
C LYS B 133 5.56 -20.81 16.88
N HIS B 134 6.12 -19.81 16.16
CA HIS B 134 5.71 -19.44 14.81
C HIS B 134 6.64 -20.14 13.82
N PHE B 135 6.12 -20.47 12.63
CA PHE B 135 6.83 -21.22 11.60
CA PHE B 135 6.93 -21.16 11.65
C PHE B 135 7.04 -20.33 10.36
N LEU B 136 8.30 -20.07 9.97
CA LEU B 136 8.66 -19.24 8.80
C LEU B 136 9.32 -20.08 7.74
N ASN B 137 8.94 -19.86 6.48
CA ASN B 137 9.47 -20.64 5.36
C ASN B 137 9.58 -19.84 4.09
N LEU B 138 10.51 -20.26 3.21
CA LEU B 138 10.70 -19.74 1.85
C LEU B 138 10.38 -20.91 0.96
N VAL B 139 9.23 -20.83 0.28
CA VAL B 139 8.62 -21.93 -0.43
C VAL B 139 8.55 -21.72 -1.95
N ILE B 140 8.73 -22.81 -2.70
CA ILE B 140 8.48 -22.92 -4.13
C ILE B 140 7.05 -23.49 -4.21
N ASN B 141 6.09 -22.71 -4.71
CA ASN B 141 4.68 -23.15 -4.74
C ASN B 141 4.45 -24.33 -5.68
N ASN B 142 3.74 -25.36 -5.14
CA ASN B 142 3.34 -26.61 -5.79
C ASN B 142 2.52 -26.36 -7.07
N LYS B 143 1.38 -25.63 -6.94
CA LYS B 143 0.45 -25.29 -8.02
C LYS B 143 0.98 -24.16 -8.91
N THR B 155 8.46 -8.22 -17.09
CA THR B 155 9.71 -8.25 -16.31
C THR B 155 9.59 -9.18 -15.08
N ASP B 156 8.85 -10.32 -15.25
CA ASP B 156 8.60 -11.37 -14.25
C ASP B 156 9.50 -12.60 -14.45
N ASP B 157 9.75 -13.00 -15.73
CA ASP B 157 10.57 -14.16 -16.11
C ASP B 157 12.04 -14.09 -15.63
N GLU B 158 12.56 -12.88 -15.36
CA GLU B 158 13.93 -12.65 -14.89
C GLU B 158 14.03 -12.71 -13.35
N TYR B 159 12.95 -13.13 -12.67
CA TYR B 159 12.87 -13.28 -11.22
C TYR B 159 12.34 -14.67 -10.85
N ILE B 160 12.98 -15.33 -9.88
CA ILE B 160 12.54 -16.64 -9.40
C ILE B 160 11.46 -16.41 -8.34
N ASN B 161 10.26 -16.97 -8.58
CA ASN B 161 9.12 -16.82 -7.70
C ASN B 161 9.23 -17.72 -6.46
N LEU B 162 9.21 -17.08 -5.28
CA LEU B 162 9.25 -17.75 -3.98
C LEU B 162 8.19 -17.12 -3.09
N GLU B 163 7.79 -17.84 -2.03
CA GLU B 163 6.79 -17.33 -1.09
C GLU B 163 7.34 -17.35 0.32
N PHE B 164 7.35 -16.18 0.98
CA PHE B 164 7.78 -16.04 2.37
C PHE B 164 6.52 -16.26 3.21
N ARG B 165 6.32 -17.50 3.66
CA ARG B 165 5.13 -17.91 4.38
C ARG B 165 5.31 -17.93 5.89
N HIS B 166 4.19 -17.73 6.60
CA HIS B 166 4.14 -17.66 8.05
C HIS B 166 3.00 -18.48 8.56
N ASN B 167 3.29 -19.35 9.52
CA ASN B 167 2.29 -20.11 10.26
C ASN B 167 2.37 -19.66 11.70
N SER B 168 1.36 -18.91 12.15
CA SER B 168 1.30 -18.35 13.50
C SER B 168 0.79 -19.40 14.50
N GLU B 169 0.34 -20.57 14.00
CA GLU B 169 -0.16 -21.71 14.77
C GLU B 169 -1.28 -21.30 15.73
N ARG B 170 -2.21 -20.44 15.24
CA ARG B 170 -3.40 -19.92 15.92
C ARG B 170 -3.05 -18.92 17.05
N ASP B 171 -1.79 -18.47 17.17
CA ASP B 171 -1.38 -17.50 18.19
C ASP B 171 -2.12 -16.17 18.03
N SER B 172 -2.66 -15.61 19.14
CA SER B 172 -3.37 -14.33 19.10
C SER B 172 -2.45 -13.22 18.65
N PRO B 173 -2.89 -12.39 17.68
CA PRO B 173 -2.01 -11.34 17.15
C PRO B 173 -2.07 -10.10 18.07
N ASP B 174 -1.52 -10.24 19.27
CA ASP B 174 -1.61 -9.22 20.31
C ASP B 174 -0.53 -8.13 20.28
N HIS B 175 0.74 -8.51 20.10
CA HIS B 175 1.84 -7.55 20.15
C HIS B 175 2.76 -7.67 18.97
N LEU B 176 3.14 -6.52 18.43
CA LEU B 176 4.01 -6.46 17.30
C LEU B 176 5.45 -6.70 17.74
N GLY B 177 6.08 -7.63 17.04
CA GLY B 177 7.48 -7.97 17.23
C GLY B 177 8.21 -7.96 15.90
N GLU B 178 9.53 -7.87 15.97
CA GLU B 178 10.44 -7.89 14.83
C GLU B 178 11.46 -9.02 15.01
N GLY B 179 11.97 -9.52 13.91
CA GLY B 179 13.00 -10.54 13.92
C GLY B 179 13.68 -10.63 12.57
N TYR B 180 14.60 -11.61 12.45
CA TYR B 180 15.36 -11.90 11.24
C TYR B 180 15.37 -13.37 10.96
N VAL B 181 15.35 -13.71 9.68
CA VAL B 181 15.43 -15.08 9.20
C VAL B 181 16.30 -15.03 7.93
N SER B 182 17.18 -15.99 7.78
CA SER B 182 18.08 -16.12 6.64
C SER B 182 17.83 -17.43 5.96
N PHE B 183 17.57 -17.40 4.65
CA PHE B 183 17.32 -18.63 3.90
C PHE B 183 18.44 -18.93 2.94
N LYS B 184 18.92 -20.18 2.96
CA LYS B 184 19.93 -20.68 2.02
C LYS B 184 19.29 -20.78 0.65
N LEU B 185 19.97 -20.29 -0.40
CA LEU B 185 19.40 -20.32 -1.76
C LEU B 185 19.95 -21.48 -2.61
N ASP B 186 20.66 -22.43 -1.98
CA ASP B 186 21.29 -23.57 -2.68
C ASP B 186 20.31 -24.48 -3.43
N LYS B 187 19.05 -24.58 -3.00
CA LYS B 187 18.08 -25.47 -3.67
C LYS B 187 17.57 -24.85 -5.00
N ILE B 188 17.86 -23.57 -5.26
CA ILE B 188 17.48 -22.89 -6.52
C ILE B 188 18.75 -22.35 -7.25
N GLU B 189 19.94 -22.82 -6.83
CA GLU B 189 21.26 -22.44 -7.34
C GLU B 189 21.37 -22.54 -8.87
N GLU B 190 20.79 -23.60 -9.48
CA GLU B 190 20.82 -23.78 -10.93
C GLU B 190 19.99 -22.72 -11.68
N GLN B 191 18.93 -22.22 -11.06
CA GLN B 191 18.03 -21.23 -11.67
C GLN B 191 18.53 -19.80 -11.55
N ILE B 192 19.41 -19.51 -10.57
CA ILE B 192 19.97 -18.18 -10.27
C ILE B 192 20.69 -17.58 -11.50
N GLU B 193 21.44 -18.43 -12.23
CA GLU B 193 22.20 -18.09 -13.43
C GLU B 193 21.26 -17.51 -14.50
N GLY B 194 21.46 -16.23 -14.83
CA GLY B 194 20.67 -15.51 -15.83
C GLY B 194 19.41 -14.81 -15.35
N LYS B 195 19.27 -14.67 -14.01
CA LYS B 195 18.12 -14.00 -13.39
C LYS B 195 18.56 -12.72 -12.71
N LYS B 196 17.67 -11.72 -12.71
CA LYS B 196 17.88 -10.43 -12.05
C LYS B 196 17.79 -10.58 -10.52
N GLY B 197 16.90 -11.45 -10.06
CA GLY B 197 16.71 -11.69 -8.64
C GLY B 197 15.60 -12.65 -8.28
N LEU B 198 14.98 -12.38 -7.13
CA LEU B 198 13.89 -13.19 -6.61
C LEU B 198 12.62 -12.37 -6.51
N ASN B 199 11.47 -13.01 -6.75
CA ASN B 199 10.17 -12.38 -6.60
C ASN B 199 9.49 -13.05 -5.40
N ILE B 200 9.36 -12.30 -4.30
CA ILE B 200 8.86 -12.83 -3.02
C ILE B 200 7.41 -12.45 -2.77
N ARG B 201 6.54 -13.45 -2.73
CA ARG B 201 5.12 -13.29 -2.41
C ARG B 201 4.98 -13.21 -0.89
N VAL B 202 4.32 -12.16 -0.42
CA VAL B 202 4.10 -11.94 1.02
C VAL B 202 2.62 -11.59 1.27
N ARG B 203 1.96 -12.27 2.23
CA ARG B 203 0.63 -11.87 2.67
C ARG B 203 0.91 -10.86 3.79
N THR B 204 0.94 -9.56 3.44
CA THR B 204 1.32 -8.46 4.34
C THR B 204 0.34 -8.29 5.51
N LEU B 205 0.77 -7.55 6.53
CA LEU B 205 -0.02 -7.27 7.72
C LEU B 205 -1.26 -6.44 7.43
N TYR B 206 -1.17 -5.43 6.53
CA TYR B 206 -2.30 -4.53 6.27
C TYR B 206 -2.68 -4.32 4.78
N ASP B 207 -1.85 -4.79 3.82
CA ASP B 207 -2.12 -4.46 2.41
C ASP B 207 -2.35 -5.65 1.46
N GLY B 208 -2.79 -6.79 1.98
CA GLY B 208 -3.03 -7.96 1.17
C GLY B 208 -1.76 -8.59 0.61
N ILE B 209 -1.90 -9.37 -0.46
CA ILE B 209 -0.78 -10.06 -1.08
C ILE B 209 0.02 -9.09 -1.92
N LYS B 210 1.32 -9.01 -1.63
CA LYS B 210 2.31 -8.20 -2.34
C LYS B 210 3.42 -9.11 -2.87
N ASN B 211 4.01 -8.71 -4.01
CA ASN B 211 5.14 -9.42 -4.62
C ASN B 211 6.30 -8.47 -4.68
N TYR B 212 7.35 -8.76 -3.91
CA TYR B 212 8.53 -7.90 -3.83
C TYR B 212 9.69 -8.47 -4.62
N LYS B 213 10.26 -7.66 -5.50
CA LYS B 213 11.43 -8.03 -6.28
C LYS B 213 12.70 -7.68 -5.50
N VAL B 214 13.55 -8.70 -5.26
CA VAL B 214 14.81 -8.58 -4.52
C VAL B 214 15.92 -8.88 -5.52
N GLN B 215 16.75 -7.88 -5.78
CA GLN B 215 17.82 -7.97 -6.76
C GLN B 215 19.03 -8.72 -6.24
N PHE B 216 19.66 -9.52 -7.12
CA PHE B 216 20.95 -10.15 -6.82
C PHE B 216 22.00 -9.03 -6.86
N PRO B 217 22.91 -8.92 -5.87
CA PRO B 217 23.91 -7.83 -5.91
C PRO B 217 24.90 -7.96 -7.11
N GLN C 7 19.28 42.56 26.58
CA GLN C 7 20.34 41.87 25.83
C GLN C 7 20.34 40.35 26.13
N SER C 8 19.25 39.62 25.74
CA SER C 8 19.15 38.16 25.95
C SER C 8 19.47 37.41 24.65
N ARG C 9 19.99 36.19 24.82
CA ARG C 9 20.44 35.31 23.77
C ARG C 9 19.34 34.84 22.83
N SER C 10 19.73 34.64 21.57
CA SER C 10 18.91 34.10 20.51
C SER C 10 19.65 32.97 19.81
N LEU C 11 18.92 32.01 19.25
CA LEU C 11 19.49 30.88 18.51
C LEU C 11 18.68 30.69 17.23
N VAL C 12 19.37 30.47 16.11
CA VAL C 12 18.80 30.21 14.78
C VAL C 12 19.70 29.27 14.01
N ILE C 13 19.12 28.58 13.03
CA ILE C 13 19.84 27.86 11.98
C ILE C 13 19.81 28.85 10.80
N SER C 14 20.91 28.95 10.03
CA SER C 14 20.94 29.86 8.89
C SER C 14 21.99 29.44 7.87
N THR C 15 22.00 30.13 6.73
CA THR C 15 22.99 29.97 5.68
C THR C 15 23.99 31.11 5.84
N ILE C 16 25.28 30.78 5.76
CA ILE C 16 26.37 31.74 5.78
C ILE C 16 26.57 32.19 4.34
N ASN C 17 26.41 33.48 4.11
N ASN C 17 26.53 33.51 4.10
CA ASN C 17 26.53 34.05 2.79
CA ASN C 17 26.75 34.07 2.76
C ASN C 17 27.89 34.72 2.67
C ASN C 17 27.75 35.22 2.82
N GLN C 18 28.72 34.20 1.77
N GLN C 18 28.70 35.29 1.87
CA GLN C 18 30.08 34.67 1.50
CA GLN C 18 29.74 36.33 1.80
C GLN C 18 30.22 34.97 -0.01
C GLN C 18 29.18 37.65 1.31
N ILE C 19 29.72 36.16 -0.44
N ILE C 19 29.62 38.79 1.90
CA ILE C 19 29.68 36.57 -1.85
CA ILE C 19 29.16 40.12 1.47
C ILE C 19 30.65 37.73 -2.16
C ILE C 19 29.85 40.48 0.13
N SER C 20 31.04 38.53 -1.15
N SER C 20 31.19 40.22 0.00
CA SER C 20 31.97 39.67 -1.31
CA SER C 20 31.99 40.49 -1.21
C SER C 20 33.40 39.19 -1.62
C SER C 20 33.33 39.66 -1.27
N GLU C 21 34.28 40.09 -2.14
CA GLU C 21 35.66 39.67 -2.45
C GLU C 21 36.49 39.32 -1.19
N ASP C 22 36.22 40.03 -0.05
CA ASP C 22 36.84 39.76 1.24
C ASP C 22 36.12 38.55 1.85
N SER C 23 36.82 37.40 1.89
CA SER C 23 36.32 36.12 2.41
C SER C 23 36.06 36.17 3.93
N LYS C 24 36.54 37.23 4.60
CA LYS C 24 36.36 37.46 6.04
C LYS C 24 34.98 38.10 6.30
N GLU C 25 34.39 38.77 5.28
CA GLU C 25 33.11 39.46 5.34
C GLU C 25 31.97 38.51 4.96
N PHE C 26 31.06 38.26 5.91
CA PHE C 26 29.91 37.37 5.69
C PHE C 26 28.66 37.87 6.43
N TYR C 27 27.48 37.40 6.04
CA TYR C 27 26.19 37.67 6.68
C TYR C 27 25.40 36.36 6.71
N PHE C 28 24.21 36.38 7.32
CA PHE C 28 23.38 35.18 7.48
C PHE C 28 22.01 35.34 6.86
N THR C 29 21.50 34.28 6.18
CA THR C 29 20.14 34.23 5.64
C THR C 29 19.35 33.15 6.38
N LEU C 30 18.21 33.55 6.99
CA LEU C 30 17.28 32.69 7.72
C LEU C 30 16.39 31.97 6.73
N ASP C 31 15.80 30.82 7.13
CA ASP C 31 14.97 30.00 6.25
C ASP C 31 13.66 30.67 5.79
N ASN C 32 13.31 31.83 6.36
CA ASN C 32 12.16 32.65 5.92
C ASN C 32 12.62 33.76 4.93
N GLY C 33 13.92 33.76 4.59
CA GLY C 33 14.52 34.72 3.67
C GLY C 33 15.05 35.99 4.31
N LYS C 34 14.80 36.17 5.63
CA LYS C 34 15.28 37.33 6.38
C LYS C 34 16.76 37.21 6.59
N THR C 35 17.44 38.35 6.61
CA THR C 35 18.90 38.40 6.72
C THR C 35 19.35 39.04 8.05
N MSE C 36 20.55 38.64 8.49
CA MSE C 36 21.21 39.14 9.70
C MSE C 36 22.62 39.62 9.37
O MSE C 36 23.43 38.90 8.75
CB MSE C 36 21.28 38.05 10.80
CG MSE C 36 19.96 37.30 11.05
SE MSE C 36 19.97 36.34 12.73
CE MSE C 36 21.36 35.11 12.38
N PHE C 37 22.92 40.83 9.80
CA PHE C 37 24.25 41.42 9.64
C PHE C 37 25.06 41.19 10.92
N PRO C 38 26.18 40.44 10.87
CA PRO C 38 26.97 40.26 12.09
C PRO C 38 27.93 41.43 12.28
N SER C 39 27.66 42.28 13.27
CA SER C 39 28.48 43.47 13.55
C SER C 39 29.93 43.12 13.98
N ASN C 40 30.18 41.86 14.39
CA ASN C 40 31.48 41.39 14.85
C ASN C 40 31.98 40.17 14.06
N SER C 41 31.62 40.07 12.75
CA SER C 41 32.03 38.93 11.88
C SER C 41 33.56 38.80 11.75
N GLN C 42 34.31 39.93 11.93
CA GLN C 42 35.78 39.99 11.87
C GLN C 42 36.43 39.00 12.85
N ALA C 43 35.79 38.77 14.03
CA ALA C 43 36.23 37.83 15.07
C ALA C 43 36.32 36.39 14.55
N TRP C 44 35.56 36.05 13.48
CA TRP C 44 35.61 34.73 12.85
C TRP C 44 36.50 34.74 11.59
N GLY C 45 37.40 35.72 11.51
CA GLY C 45 38.37 35.84 10.43
C GLY C 45 39.14 34.57 10.14
N GLY C 46 39.78 34.03 11.19
CA GLY C 46 40.56 32.80 11.15
C GLY C 46 39.78 31.59 10.66
N GLU C 47 38.46 31.64 10.86
CA GLU C 47 37.53 30.60 10.44
C GLU C 47 37.01 30.96 9.04
N LYS C 48 37.57 30.34 8.00
CA LYS C 48 37.14 30.63 6.64
C LYS C 48 35.84 29.84 6.36
N PHE C 49 34.69 30.55 6.33
CA PHE C 49 33.40 29.92 6.05
C PHE C 49 33.15 29.92 4.55
N GLU C 50 32.69 28.78 4.04
CA GLU C 50 32.33 28.63 2.64
C GLU C 50 30.95 29.23 2.40
N ASN C 51 30.74 29.85 1.23
CA ASN C 51 29.44 30.40 0.86
C ASN C 51 28.46 29.22 0.73
N GLY C 52 27.36 29.28 1.49
CA GLY C 52 26.36 28.22 1.52
C GLY C 52 26.44 27.36 2.75
N GLN C 53 27.45 27.58 3.60
CA GLN C 53 27.61 26.82 4.82
C GLN C 53 26.43 27.05 5.76
N ARG C 54 25.82 25.94 6.23
CA ARG C 54 24.72 26.02 7.19
C ARG C 54 25.34 25.99 8.59
N ALA C 55 24.68 26.66 9.54
CA ALA C 55 25.20 26.77 10.89
C ALA C 55 24.15 27.17 11.87
N PHE C 56 24.37 26.81 13.16
CA PHE C 56 23.57 27.27 14.28
C PHE C 56 24.30 28.49 14.80
N VAL C 57 23.58 29.61 14.98
CA VAL C 57 24.15 30.88 15.44
C VAL C 57 23.52 31.30 16.76
N ILE C 58 24.35 31.54 17.77
CA ILE C 58 23.95 32.10 19.06
C ILE C 58 24.36 33.58 18.98
N PHE C 59 23.43 34.48 19.25
CA PHE C 59 23.66 35.90 19.10
C PHE C 59 22.76 36.73 19.98
N ASN C 60 23.08 38.03 20.03
CA ASN C 60 22.30 39.08 20.68
C ASN C 60 21.84 40.02 19.59
N GLU C 61 20.54 40.25 19.51
CA GLU C 61 19.95 41.14 18.51
C GLU C 61 20.17 42.58 18.98
N LEU C 62 20.82 43.41 18.14
CA LEU C 62 21.10 44.81 18.46
C LEU C 62 19.89 45.67 18.09
N GLU C 63 19.63 46.75 18.86
CA GLU C 63 18.48 47.64 18.64
C GLU C 63 18.62 48.48 17.37
N GLN C 64 19.83 48.95 17.05
CA GLN C 64 20.10 49.78 15.87
C GLN C 64 20.02 48.96 14.57
N PRO C 65 19.22 49.39 13.57
CA PRO C 65 19.18 48.65 12.30
C PRO C 65 20.37 49.00 11.41
N VAL C 66 20.70 48.07 10.52
CA VAL C 66 21.76 48.23 9.53
C VAL C 66 21.04 48.22 8.19
N ASN C 67 21.48 49.03 7.23
CA ASN C 67 20.84 49.10 5.92
C ASN C 67 21.09 47.83 5.12
N GLY C 68 20.01 47.26 4.59
CA GLY C 68 20.02 46.07 3.76
C GLY C 68 19.81 44.76 4.47
N TYR C 69 19.69 44.79 5.82
CA TYR C 69 19.55 43.58 6.65
C TYR C 69 18.37 43.70 7.58
N ASP C 70 17.66 42.58 7.81
CA ASP C 70 16.47 42.58 8.66
C ASP C 70 16.86 42.72 10.13
N TYR C 71 18.00 42.11 10.52
CA TYR C 71 18.55 42.13 11.87
C TYR C 71 19.98 42.56 11.84
N ASN C 72 20.38 43.24 12.91
CA ASN C 72 21.74 43.64 13.21
C ASN C 72 22.10 42.87 14.48
N ILE C 73 23.10 42.00 14.38
CA ILE C 73 23.38 41.10 15.50
C ILE C 73 24.85 41.13 15.96
N GLN C 74 25.05 40.78 17.25
CA GLN C 74 26.33 40.57 17.91
C GLN C 74 26.45 39.05 18.09
N VAL C 75 27.29 38.41 17.28
CA VAL C 75 27.43 36.94 17.30
C VAL C 75 28.19 36.49 18.55
N ARG C 76 27.72 35.40 19.18
CA ARG C 76 28.31 34.82 20.38
C ARG C 76 28.95 33.48 20.03
N ASP C 77 28.31 32.74 19.13
CA ASP C 77 28.79 31.43 18.70
C ASP C 77 28.25 31.05 17.34
N ILE C 78 29.11 30.42 16.53
CA ILE C 78 28.75 29.85 15.22
C ILE C 78 29.17 28.39 15.29
N THR C 79 28.20 27.45 15.15
CA THR C 79 28.47 26.02 15.15
C THR C 79 27.96 25.50 13.83
N LYS C 80 28.86 25.01 12.97
CA LYS C 80 28.51 24.48 11.67
C LYS C 80 27.57 23.29 11.75
N VAL C 81 26.63 23.24 10.80
CA VAL C 81 25.69 22.15 10.53
C VAL C 81 26.23 21.46 9.27
N LEU C 82 26.36 20.12 9.30
CA LEU C 82 26.81 19.34 8.17
C LEU C 82 25.99 19.73 6.92
N THR C 83 26.68 20.25 5.90
CA THR C 83 26.11 20.76 4.67
C THR C 83 26.67 19.93 3.54
N LYS C 84 25.78 19.31 2.76
CA LYS C 84 26.19 18.42 1.68
C LYS C 84 25.38 18.60 0.40
N GLU C 85 25.95 18.19 -0.70
CA GLU C 85 25.30 18.14 -2.00
C GLU C 85 24.52 16.84 -2.14
N ILE C 86 23.50 16.83 -3.00
CA ILE C 86 22.73 15.64 -3.33
C ILE C 86 23.70 14.70 -4.12
N VAL C 87 23.61 13.40 -3.89
CA VAL C 87 24.42 12.40 -4.60
C VAL C 87 23.56 11.98 -5.80
N THR C 88 23.97 12.41 -6.97
CA THR C 88 23.25 12.18 -8.23
C THR C 88 23.45 10.72 -8.71
N MSE C 89 22.64 10.31 -9.72
CA MSE C 89 22.67 8.97 -10.32
C MSE C 89 24.03 8.64 -10.99
O MSE C 89 24.49 7.50 -10.89
CB MSE C 89 21.57 8.85 -11.40
CG MSE C 89 20.16 8.68 -10.85
SE MSE C 89 18.96 8.11 -12.29
CE MSE C 89 17.24 8.67 -11.57
N ASP C 90 24.62 9.64 -11.68
CA ASP C 90 25.88 9.56 -12.43
C ASP C 90 27.16 9.48 -11.54
N ASP C 91 27.04 9.80 -10.21
CA ASP C 91 28.16 9.77 -9.25
CA ASP C 91 28.16 9.77 -9.25
C ASP C 91 28.72 8.33 -9.12
N GLU C 92 30.06 8.20 -9.13
CA GLU C 92 30.74 6.90 -9.02
C GLU C 92 30.79 6.42 -7.56
N GLU C 93 30.50 7.35 -6.62
CA GLU C 93 30.43 7.11 -5.19
C GLU C 93 29.00 6.69 -4.81
N ASN C 94 28.03 6.85 -5.75
CA ASN C 94 26.63 6.45 -5.59
C ASN C 94 26.50 4.93 -5.78
N THR C 95 27.18 4.15 -4.90
CA THR C 95 27.09 2.69 -4.89
C THR C 95 26.40 2.31 -3.61
N GLU C 96 25.61 1.22 -3.64
CA GLU C 96 24.90 0.72 -2.47
C GLU C 96 25.85 0.50 -1.29
N GLU C 97 27.05 -0.05 -1.56
CA GLU C 97 28.06 -0.38 -0.57
C GLU C 97 28.60 0.89 0.13
N LYS C 98 28.96 1.93 -0.63
CA LYS C 98 29.46 3.20 -0.10
C LYS C 98 28.38 4.02 0.62
N ILE C 99 27.21 4.18 -0.01
CA ILE C 99 26.08 4.96 0.52
C ILE C 99 25.47 4.28 1.77
N GLY C 100 25.33 2.94 1.72
CA GLY C 100 24.76 2.16 2.80
C GLY C 100 23.25 2.30 2.93
N ASP C 101 22.63 1.48 3.77
CA ASP C 101 21.18 1.54 3.97
C ASP C 101 20.81 1.12 5.39
N ASP C 102 21.49 1.72 6.36
CA ASP C 102 21.26 1.48 7.78
C ASP C 102 20.08 2.31 8.25
N LYS C 103 19.47 1.89 9.36
CA LYS C 103 18.28 2.55 9.89
C LYS C 103 18.55 3.96 10.42
N ILE C 104 17.59 4.84 10.21
CA ILE C 104 17.65 6.23 10.67
C ILE C 104 16.24 6.80 10.77
N ASN C 105 16.00 7.64 11.76
CA ASN C 105 14.74 8.35 11.89
C ASN C 105 14.90 9.79 11.41
N ALA C 106 13.95 10.26 10.62
CA ALA C 106 13.84 11.65 10.18
C ALA C 106 12.75 12.25 11.10
N THR C 107 13.19 12.82 12.23
CA THR C 107 12.36 13.38 13.28
C THR C 107 11.55 14.59 12.78
N TYR C 108 12.22 15.46 12.02
CA TYR C 108 11.64 16.69 11.50
C TYR C 108 12.42 17.14 10.27
N MSE C 109 11.69 17.57 9.22
CA MSE C 109 12.27 18.02 7.96
C MSE C 109 11.59 19.26 7.43
O MSE C 109 10.37 19.40 7.55
CB MSE C 109 12.19 16.92 6.90
CG MSE C 109 12.92 15.65 7.29
SE MSE C 109 13.07 14.44 5.78
CE MSE C 109 11.34 13.78 5.75
N TRP C 110 12.36 20.18 6.83
CA TRP C 110 11.80 21.39 6.24
C TRP C 110 12.72 21.94 5.14
N ILE C 111 12.12 22.57 4.16
CA ILE C 111 12.82 23.20 3.05
C ILE C 111 12.79 24.71 3.32
N SER C 112 13.93 25.41 3.09
CA SER C 112 14.02 26.86 3.24
C SER C 112 13.15 27.56 2.16
N LYS C 113 12.68 28.81 2.43
CA LYS C 113 11.82 29.58 1.53
C LYS C 113 12.37 29.66 0.10
N ASP C 114 13.71 29.89 -0.04
CA ASP C 114 14.40 30.00 -1.32
C ASP C 114 14.56 28.63 -2.04
N LYS C 115 14.12 27.51 -1.40
CA LYS C 115 14.18 26.12 -1.90
C LYS C 115 15.64 25.67 -2.14
N LYS C 116 16.60 26.24 -1.40
CA LYS C 116 18.02 25.93 -1.55
C LYS C 116 18.45 24.79 -0.64
N TYR C 117 17.71 24.55 0.44
CA TYR C 117 18.07 23.51 1.42
C TYR C 117 16.94 22.68 1.88
N LEU C 118 17.24 21.41 2.15
CA LEU C 118 16.40 20.49 2.87
C LEU C 118 17.17 20.21 4.16
N THR C 119 16.60 20.55 5.31
CA THR C 119 17.26 20.26 6.58
C THR C 119 16.51 19.14 7.27
N ILE C 120 17.27 18.21 7.87
CA ILE C 120 16.72 17.07 8.58
C ILE C 120 17.28 17.00 9.99
N GLU C 121 16.37 16.97 10.95
CA GLU C 121 16.65 16.64 12.33
C GLU C 121 16.49 15.12 12.36
N PHE C 122 17.56 14.39 12.67
CA PHE C 122 17.57 12.93 12.60
C PHE C 122 17.93 12.30 13.92
N GLN C 123 17.72 10.99 14.00
CA GLN C 123 17.96 10.20 15.18
C GLN C 123 18.42 8.82 14.74
N TYR C 124 19.49 8.31 15.37
CA TYR C 124 19.98 6.97 15.10
C TYR C 124 20.75 6.42 16.30
N TYR C 125 21.03 5.11 16.28
CA TYR C 125 21.77 4.44 17.33
C TYR C 125 23.23 4.34 16.95
N SER C 126 24.10 4.58 17.93
CA SER C 126 25.56 4.51 17.74
C SER C 126 26.27 4.19 19.06
N THR C 127 27.60 4.12 19.02
CA THR C 127 28.43 3.89 20.20
C THR C 127 28.92 5.23 20.74
N HIS C 128 28.61 6.33 20.02
CA HIS C 128 28.98 7.72 20.33
C HIS C 128 30.50 7.87 20.47
N SER C 129 31.25 7.41 19.44
CA SER C 129 32.71 7.47 19.42
C SER C 129 33.24 8.17 18.17
N GLU C 130 34.28 9.01 18.35
CA GLU C 130 34.94 9.80 17.30
C GLU C 130 35.61 8.89 16.25
N ASP C 131 36.08 7.71 16.71
CA ASP C 131 36.71 6.66 15.91
C ASP C 131 35.76 6.09 14.85
N LYS C 132 34.43 5.96 15.17
CA LYS C 132 33.47 5.42 14.22
C LYS C 132 32.51 6.52 13.74
N LYS C 133 32.79 6.99 12.52
CA LYS C 133 32.05 8.04 11.85
C LYS C 133 30.91 7.44 11.03
N HIS C 134 29.73 8.08 11.08
CA HIS C 134 28.53 7.71 10.34
C HIS C 134 28.46 8.59 9.09
N PHE C 135 27.93 8.06 7.99
CA PHE C 135 27.84 8.84 6.78
CA PHE C 135 27.84 8.73 6.69
C PHE C 135 26.37 8.99 6.35
N LEU C 136 25.99 10.25 6.09
CA LEU C 136 24.62 10.64 5.74
C LEU C 136 24.58 11.24 4.35
N ASN C 137 23.58 10.87 3.55
CA ASN C 137 23.46 11.34 2.17
C ASN C 137 22.02 11.52 1.72
N LEU C 138 21.81 12.40 0.72
CA LEU C 138 20.53 12.62 0.07
C LEU C 138 20.79 12.23 -1.35
N VAL C 139 20.22 11.08 -1.76
CA VAL C 139 20.55 10.40 -3.00
C VAL C 139 19.39 10.34 -3.98
N ILE C 140 19.73 10.44 -5.28
CA ILE C 140 18.86 10.19 -6.42
C ILE C 140 19.17 8.74 -6.77
N ASN C 141 18.19 7.82 -6.60
CA ASN C 141 18.42 6.38 -6.84
C ASN C 141 18.68 6.07 -8.32
N ASN C 142 19.77 5.29 -8.56
CA ASN C 142 20.25 4.80 -9.86
C ASN C 142 19.17 4.00 -10.61
N LYS C 143 18.64 2.92 -9.97
CA LYS C 143 17.63 2.02 -10.51
C LYS C 143 16.22 2.64 -10.47
N ASP C 156 3.27 10.62 -5.39
CA ASP C 156 2.79 11.55 -6.41
C ASP C 156 3.86 11.95 -7.40
N ASP C 157 3.44 12.29 -8.64
CA ASP C 157 4.28 12.80 -9.73
C ASP C 157 4.68 14.24 -9.42
N GLU C 158 3.98 14.86 -8.46
CA GLU C 158 4.15 16.22 -7.94
C GLU C 158 5.32 16.35 -6.94
N TYR C 159 6.03 15.24 -6.63
CA TYR C 159 7.14 15.21 -5.66
C TYR C 159 8.39 14.57 -6.27
N ILE C 160 9.57 15.16 -6.00
CA ILE C 160 10.86 14.64 -6.48
C ILE C 160 11.32 13.58 -5.48
N ASN C 161 11.52 12.34 -5.98
CA ASN C 161 11.94 11.22 -5.14
C ASN C 161 13.43 11.27 -4.81
N LEU C 162 13.73 11.31 -3.50
CA LEU C 162 15.09 11.30 -2.96
C LEU C 162 15.17 10.31 -1.81
N GLU C 163 16.37 9.87 -1.46
CA GLU C 163 16.56 8.91 -0.36
C GLU C 163 17.53 9.45 0.65
N PHE C 164 17.09 9.56 1.91
CA PHE C 164 17.93 10.00 3.02
C PHE C 164 18.57 8.74 3.57
N ARG C 165 19.79 8.45 3.10
CA ARG C 165 20.52 7.24 3.43
C ARG C 165 21.53 7.41 4.57
N HIS C 166 21.75 6.32 5.30
CA HIS C 166 22.65 6.29 6.44
C HIS C 166 23.58 5.08 6.34
N ASN C 167 24.87 5.31 6.47
CA ASN C 167 25.88 4.27 6.57
C ASN C 167 26.48 4.39 7.96
N SER C 168 26.16 3.43 8.83
CA SER C 168 26.61 3.38 10.22
C SER C 168 28.02 2.79 10.31
N GLU C 169 28.55 2.28 9.18
CA GLU C 169 29.89 1.70 9.03
C GLU C 169 30.15 0.60 10.08
N ARG C 170 29.14 -0.26 10.28
CA ARG C 170 29.10 -1.43 11.18
C ARG C 170 29.11 -1.03 12.67
N ASP C 171 28.92 0.25 13.01
CA ASP C 171 28.89 0.71 14.39
C ASP C 171 27.74 0.06 15.17
N SER C 172 28.02 -0.46 16.38
CA SER C 172 26.97 -1.10 17.19
C SER C 172 25.85 -0.10 17.52
N PRO C 173 24.58 -0.49 17.31
CA PRO C 173 23.48 0.46 17.56
C PRO C 173 23.13 0.48 19.05
N ASP C 174 24.03 1.01 19.87
CA ASP C 174 23.91 0.96 21.33
C ASP C 174 23.11 2.09 21.95
N HIS C 175 23.34 3.35 21.53
CA HIS C 175 22.68 4.50 22.16
C HIS C 175 22.09 5.44 21.15
N LEU C 176 20.91 5.99 21.47
CA LEU C 176 20.24 6.97 20.62
C LEU C 176 20.99 8.29 20.57
N GLY C 177 20.96 8.91 19.42
CA GLY C 177 21.61 10.20 19.20
C GLY C 177 20.80 11.04 18.23
N GLU C 178 20.87 12.35 18.39
CA GLU C 178 20.16 13.31 17.55
C GLU C 178 21.16 14.27 16.91
N GLY C 179 20.81 14.77 15.75
CA GLY C 179 21.62 15.74 15.03
C GLY C 179 20.84 16.39 13.92
N TYR C 180 21.55 17.23 13.15
CA TYR C 180 21.03 17.96 12.01
C TYR C 180 21.96 17.83 10.85
N VAL C 181 21.38 17.76 9.65
CA VAL C 181 22.10 17.71 8.38
C VAL C 181 21.29 18.55 7.41
N SER C 182 21.98 19.37 6.62
CA SER C 182 21.36 20.25 5.64
C SER C 182 21.88 19.89 4.26
N PHE C 183 20.96 19.65 3.32
CA PHE C 183 21.39 19.30 1.97
C PHE C 183 21.04 20.39 0.99
N LYS C 184 22.02 20.76 0.15
CA LYS C 184 21.83 21.73 -0.92
C LYS C 184 20.95 21.09 -1.99
N LEU C 185 19.93 21.80 -2.49
CA LEU C 185 19.02 21.23 -3.50
C LEU C 185 19.36 21.67 -4.92
N ASP C 186 20.53 22.31 -5.12
CA ASP C 186 20.95 22.84 -6.41
C ASP C 186 21.08 21.79 -7.53
N LYS C 187 21.36 20.52 -7.20
CA LYS C 187 21.52 19.49 -8.24
C LYS C 187 20.16 19.02 -8.80
N ILE C 188 19.03 19.43 -8.17
CA ILE C 188 17.68 19.11 -8.65
C ILE C 188 16.88 20.41 -8.93
N GLU C 189 17.58 21.56 -8.97
CA GLU C 189 17.05 22.91 -9.18
C GLU C 189 16.12 23.01 -10.41
N GLU C 190 16.48 22.34 -11.51
CA GLU C 190 15.69 22.36 -12.76
C GLU C 190 14.33 21.64 -12.60
N GLN C 191 14.29 20.63 -11.73
CA GLN C 191 13.10 19.81 -11.50
C GLN C 191 12.11 20.44 -10.51
N ILE C 192 12.59 21.33 -9.63
CA ILE C 192 11.83 21.99 -8.56
C ILE C 192 10.63 22.78 -9.13
N GLU C 193 10.85 23.45 -10.28
CA GLU C 193 9.84 24.25 -10.96
C GLU C 193 8.64 23.37 -11.36
N GLY C 194 7.48 23.67 -10.77
CA GLY C 194 6.24 22.96 -11.02
C GLY C 194 5.94 21.76 -10.13
N LYS C 195 6.76 21.54 -9.07
CA LYS C 195 6.55 20.43 -8.13
C LYS C 195 6.05 20.95 -6.79
N LYS C 196 5.28 20.11 -6.04
CA LYS C 196 4.75 20.42 -4.70
C LYS C 196 5.86 20.33 -3.64
N GLY C 197 6.77 19.37 -3.81
CA GLY C 197 7.88 19.19 -2.89
C GLY C 197 8.76 18.00 -3.18
N LEU C 198 9.30 17.42 -2.11
CA LEU C 198 10.18 16.26 -2.18
C LEU C 198 9.58 15.06 -1.50
N ASN C 199 9.84 13.86 -2.05
CA ASN C 199 9.40 12.62 -1.44
C ASN C 199 10.66 11.90 -0.94
N ILE C 200 10.81 11.85 0.39
CA ILE C 200 12.00 11.31 1.03
C ILE C 200 11.81 9.88 1.54
N ARG C 201 12.55 8.93 0.95
CA ARG C 201 12.56 7.54 1.36
C ARG C 201 13.49 7.42 2.56
N VAL C 202 12.99 6.80 3.64
CA VAL C 202 13.75 6.63 4.88
C VAL C 202 13.57 5.19 5.37
N ARG C 203 14.68 4.50 5.70
CA ARG C 203 14.60 3.20 6.35
C ARG C 203 14.59 3.55 7.83
N THR C 204 13.39 3.66 8.42
CA THR C 204 13.16 4.14 9.80
C THR C 204 13.76 3.18 10.85
N LEU C 205 13.85 3.65 12.09
CA LEU C 205 14.41 2.87 13.20
C LEU C 205 13.51 1.71 13.59
N TYR C 206 12.18 1.90 13.55
CA TYR C 206 11.25 0.85 14.01
C TYR C 206 10.12 0.49 13.04
N ASP C 207 9.89 1.26 11.95
CA ASP C 207 8.69 1.02 11.11
C ASP C 207 8.94 0.69 9.65
N GLY C 208 10.12 0.18 9.33
CA GLY C 208 10.46 -0.17 7.96
C GLY C 208 10.66 1.03 7.06
N ILE C 209 10.53 0.82 5.75
CA ILE C 209 10.72 1.89 4.77
C ILE C 209 9.47 2.75 4.72
N LYS C 210 9.67 4.07 4.94
CA LYS C 210 8.65 5.11 4.88
C LYS C 210 9.03 6.14 3.84
N ASN C 211 8.02 6.76 3.22
CA ASN C 211 8.21 7.84 2.25
C ASN C 211 7.51 9.06 2.78
N TYR C 212 8.29 10.09 3.11
CA TYR C 212 7.77 11.33 3.67
C TYR C 212 7.74 12.44 2.66
N LYS C 213 6.57 13.07 2.49
CA LYS C 213 6.42 14.19 1.59
C LYS C 213 6.74 15.50 2.34
N VAL C 214 7.70 16.27 1.82
CA VAL C 214 8.16 17.56 2.37
C VAL C 214 7.78 18.63 1.35
N GLN C 215 6.89 19.52 1.75
CA GLN C 215 6.38 20.58 0.88
C GLN C 215 7.35 21.73 0.73
N PHE C 216 7.40 22.31 -0.49
CA PHE C 216 8.15 23.55 -0.75
C PHE C 216 7.35 24.68 -0.09
N PRO C 217 7.99 25.60 0.67
CA PRO C 217 7.22 26.72 1.27
C PRO C 217 6.57 27.67 0.22
N SER D 8 -23.98 11.44 8.90
CA SER D 8 -22.78 11.08 8.14
C SER D 8 -22.97 11.35 6.64
N ARG D 9 -21.86 11.67 5.97
CA ARG D 9 -21.78 12.03 4.56
C ARG D 9 -22.17 10.89 3.61
N SER D 10 -22.75 11.28 2.48
CA SER D 10 -23.13 10.42 1.39
C SER D 10 -22.58 11.00 0.09
N LEU D 11 -22.32 10.13 -0.91
CA LEU D 11 -21.83 10.54 -2.21
C LEU D 11 -22.58 9.77 -3.29
N VAL D 12 -23.02 10.47 -4.34
CA VAL D 12 -23.70 9.90 -5.52
C VAL D 12 -23.32 10.65 -6.80
N ILE D 13 -23.56 10.00 -7.94
CA ILE D 13 -23.59 10.59 -9.27
C ILE D 13 -25.09 10.77 -9.54
N SER D 14 -25.48 11.89 -10.14
CA SER D 14 -26.89 12.15 -10.44
C SER D 14 -27.02 13.14 -11.57
N THR D 15 -28.25 13.29 -12.08
CA THR D 15 -28.65 14.28 -13.08
C THR D 15 -29.31 15.45 -12.34
N ILE D 16 -28.89 16.69 -12.66
CA ILE D 16 -29.46 17.92 -12.12
C ILE D 16 -30.63 18.29 -13.04
N ASN D 17 -31.82 18.31 -12.46
N ASN D 17 -31.82 18.51 -12.47
CA ASN D 17 -33.05 18.57 -13.19
CA ASN D 17 -33.00 18.95 -13.22
C ASN D 17 -33.54 20.00 -12.94
C ASN D 17 -33.74 20.04 -12.45
N GLN D 18 -33.63 20.79 -14.01
N GLN D 18 -34.29 21.05 -13.15
CA GLN D 18 -34.08 22.19 -14.01
CA GLN D 18 -35.05 22.12 -12.48
C GLN D 18 -35.28 22.30 -14.96
C GLN D 18 -36.42 21.61 -12.01
N ILE D 19 -36.47 21.99 -14.44
N ILE D 19 -36.92 22.18 -10.91
CA ILE D 19 -37.71 22.01 -15.23
CA ILE D 19 -38.24 21.86 -10.35
C ILE D 19 -38.70 23.11 -14.78
C ILE D 19 -39.32 22.61 -11.19
N SER D 20 -38.59 23.59 -13.50
N SER D 20 -39.07 23.92 -11.54
CA SER D 20 -39.44 24.65 -12.95
CA SER D 20 -39.98 24.76 -12.34
C SER D 20 -39.15 26.01 -13.59
C SER D 20 -39.25 25.99 -13.01
N GLU D 21 -40.06 27.01 -13.44
CA GLU D 21 -39.79 28.33 -14.04
C GLU D 21 -38.62 29.09 -13.38
N ASP D 22 -38.42 28.89 -12.05
CA ASP D 22 -37.28 29.44 -11.30
C ASP D 22 -36.06 28.55 -11.58
N SER D 23 -35.11 29.09 -12.36
CA SER D 23 -33.86 28.43 -12.79
C SER D 23 -32.92 28.12 -11.61
N LYS D 24 -33.20 28.72 -10.43
CA LYS D 24 -32.44 28.51 -9.20
C LYS D 24 -32.91 27.25 -8.46
N GLU D 25 -34.15 26.79 -8.74
CA GLU D 25 -34.78 25.61 -8.14
C GLU D 25 -34.45 24.36 -8.94
N PHE D 26 -33.73 23.41 -8.31
CA PHE D 26 -33.34 22.15 -8.95
C PHE D 26 -33.41 20.98 -7.98
N TYR D 27 -33.43 19.75 -8.54
CA TYR D 27 -33.40 18.50 -7.79
C TYR D 27 -32.49 17.54 -8.55
N PHE D 28 -32.22 16.39 -7.93
CA PHE D 28 -31.34 15.36 -8.48
C PHE D 28 -32.07 14.06 -8.71
N THR D 29 -31.76 13.40 -9.84
CA THR D 29 -32.30 12.10 -10.22
C THR D 29 -31.15 11.10 -10.25
N LEU D 30 -31.25 10.08 -9.40
CA LEU D 30 -30.27 9.00 -9.29
C LEU D 30 -30.48 8.03 -10.44
N ASP D 31 -29.41 7.27 -10.81
CA ASP D 31 -29.47 6.35 -11.95
C ASP D 31 -30.43 5.17 -11.76
N ASN D 32 -30.98 4.98 -10.55
CA ASN D 32 -32.01 3.97 -10.25
C ASN D 32 -33.43 4.59 -10.35
N GLY D 33 -33.50 5.87 -10.72
CA GLY D 33 -34.75 6.61 -10.89
C GLY D 33 -35.22 7.36 -9.66
N LYS D 34 -34.56 7.11 -8.50
CA LYS D 34 -34.92 7.76 -7.25
C LYS D 34 -34.48 9.23 -7.29
N THR D 35 -35.22 10.08 -6.59
CA THR D 35 -35.00 11.51 -6.58
C THR D 35 -34.56 12.04 -5.22
N MSE D 36 -33.84 13.15 -5.24
CA MSE D 36 -33.35 13.81 -4.04
C MSE D 36 -33.72 15.27 -4.07
O MSE D 36 -33.43 15.94 -5.05
CB MSE D 36 -31.84 13.65 -3.89
CG MSE D 36 -31.30 12.22 -4.05
SE MSE D 36 -29.50 12.08 -3.32
CE MSE D 36 -28.63 13.26 -4.56
N PHE D 37 -34.36 15.75 -3.01
CA PHE D 37 -34.73 17.15 -2.87
C PHE D 37 -33.63 17.90 -2.11
N PRO D 38 -32.92 18.89 -2.72
CA PRO D 38 -31.88 19.62 -1.97
C PRO D 38 -32.52 20.76 -1.19
N SER D 39 -32.58 20.62 0.15
CA SER D 39 -33.19 21.62 1.02
C SER D 39 -32.45 22.97 1.02
N ASN D 40 -31.19 23.00 0.54
CA ASN D 40 -30.34 24.20 0.48
C ASN D 40 -29.82 24.48 -0.96
N SER D 41 -30.62 24.14 -2.00
CA SER D 41 -30.25 24.38 -3.42
C SER D 41 -29.99 25.88 -3.74
N GLN D 42 -30.62 26.79 -2.99
CA GLN D 42 -30.47 28.25 -3.16
C GLN D 42 -28.99 28.68 -3.10
N ALA D 43 -28.19 27.99 -2.24
CA ALA D 43 -26.75 28.24 -2.05
C ALA D 43 -25.96 28.11 -3.36
N TRP D 44 -26.49 27.33 -4.33
CA TRP D 44 -25.88 27.14 -5.65
C TRP D 44 -26.53 28.02 -6.72
N GLY D 45 -27.27 29.05 -6.30
CA GLY D 45 -27.96 29.99 -7.18
C GLY D 45 -27.11 30.49 -8.32
N GLY D 46 -25.94 31.05 -7.97
CA GLY D 46 -24.99 31.61 -8.92
C GLY D 46 -24.32 30.61 -9.85
N GLU D 47 -24.40 29.30 -9.54
CA GLU D 47 -23.75 28.25 -10.35
C GLU D 47 -24.41 28.04 -11.73
N LYS D 48 -25.70 28.47 -11.90
CA LYS D 48 -26.48 28.37 -13.15
C LYS D 48 -26.37 26.97 -13.78
N PHE D 49 -26.89 25.93 -13.09
CA PHE D 49 -26.81 24.56 -13.61
C PHE D 49 -27.78 24.32 -14.77
N GLU D 50 -27.28 23.69 -15.84
CA GLU D 50 -28.10 23.36 -16.99
C GLU D 50 -28.92 22.13 -16.71
N ASN D 51 -30.16 22.07 -17.27
CA ASN D 51 -31.02 20.88 -17.10
CA ASN D 51 -31.02 20.89 -17.16
C ASN D 51 -30.30 19.70 -17.77
N GLY D 52 -30.20 18.59 -17.05
CA GLY D 52 -29.51 17.42 -17.58
C GLY D 52 -28.06 17.30 -17.23
N GLN D 53 -27.50 18.31 -16.53
CA GLN D 53 -26.11 18.30 -16.06
C GLN D 53 -25.89 17.14 -15.11
N ARG D 54 -24.77 16.41 -15.29
CA ARG D 54 -24.40 15.30 -14.39
C ARG D 54 -23.42 15.82 -13.35
N ALA D 55 -23.44 15.24 -12.16
CA ALA D 55 -22.56 15.73 -11.11
C ALA D 55 -22.39 14.75 -10.01
N PHE D 56 -21.29 14.85 -9.27
CA PHE D 56 -21.06 14.11 -8.05
C PHE D 56 -21.54 15.00 -6.92
N VAL D 57 -22.43 14.47 -6.08
CA VAL D 57 -23.04 15.23 -4.99
C VAL D 57 -22.64 14.63 -3.65
N ILE D 58 -22.06 15.45 -2.76
CA ILE D 58 -21.75 15.11 -1.38
C ILE D 58 -22.86 15.76 -0.58
N PHE D 59 -23.52 14.97 0.28
CA PHE D 59 -24.65 15.46 1.04
C PHE D 59 -24.88 14.69 2.32
N ASN D 60 -25.79 15.22 3.14
CA ASN D 60 -26.29 14.59 4.36
C ASN D 60 -27.77 14.34 4.14
N GLU D 61 -28.19 13.09 4.32
CA GLU D 61 -29.59 12.70 4.16
C GLU D 61 -30.37 13.15 5.40
N LEU D 62 -31.42 13.95 5.21
CA LEU D 62 -32.26 14.45 6.31
C LEU D 62 -33.34 13.42 6.65
N GLU D 63 -33.71 13.32 7.94
CA GLU D 63 -34.69 12.36 8.45
C GLU D 63 -36.12 12.68 7.98
N GLN D 64 -36.48 13.97 7.90
CA GLN D 64 -37.81 14.41 7.47
C GLN D 64 -38.02 14.21 5.96
N PRO D 65 -39.09 13.50 5.53
CA PRO D 65 -39.32 13.37 4.07
C PRO D 65 -40.00 14.61 3.49
N VAL D 66 -39.91 14.73 2.17
CA VAL D 66 -40.52 15.78 1.37
C VAL D 66 -41.37 15.05 0.32
N ASN D 67 -42.60 15.52 0.14
CA ASN D 67 -43.55 14.97 -0.82
C ASN D 67 -43.02 15.06 -2.25
N GLY D 68 -43.07 13.93 -2.95
CA GLY D 68 -42.64 13.80 -4.33
C GLY D 68 -41.19 13.46 -4.59
N TYR D 69 -40.39 13.28 -3.51
CA TYR D 69 -38.94 12.95 -3.59
C TYR D 69 -38.59 11.78 -2.70
N ASP D 70 -37.71 10.90 -3.18
CA ASP D 70 -37.30 9.70 -2.42
C ASP D 70 -36.41 10.06 -1.23
N TYR D 71 -35.61 11.14 -1.37
CA TYR D 71 -34.71 11.64 -0.32
C TYR D 71 -34.84 13.14 -0.17
N ASN D 72 -34.62 13.61 1.06
CA ASN D 72 -34.56 15.02 1.43
C ASN D 72 -33.14 15.21 1.92
N ILE D 73 -32.36 16.05 1.23
CA ILE D 73 -30.93 16.14 1.53
C ILE D 73 -30.45 17.59 1.79
N GLN D 74 -29.34 17.69 2.55
CA GLN D 74 -28.58 18.90 2.81
C GLN D 74 -27.28 18.75 2.01
N VAL D 75 -27.16 19.49 0.90
CA VAL D 75 -26.02 19.39 -0.01
C VAL D 75 -24.78 20.03 0.64
N ARG D 76 -23.62 19.37 0.48
CA ARG D 76 -22.33 19.82 0.99
C ARG D 76 -21.44 20.23 -0.16
N ASP D 77 -21.51 19.50 -1.28
CA ASP D 77 -20.72 19.78 -2.47
C ASP D 77 -21.38 19.23 -3.73
N ILE D 78 -21.27 19.98 -4.82
CA ILE D 78 -21.69 19.61 -6.18
C ILE D 78 -20.46 19.78 -7.07
N THR D 79 -19.99 18.68 -7.67
CA THR D 79 -18.86 18.71 -8.60
C THR D 79 -19.37 18.15 -9.90
N LYS D 80 -19.40 18.96 -10.94
CA LYS D 80 -19.90 18.56 -12.25
C LYS D 80 -19.09 17.43 -12.87
N VAL D 81 -19.80 16.56 -13.58
CA VAL D 81 -19.25 15.47 -14.39
C VAL D 81 -19.43 15.93 -15.84
N LEU D 82 -18.37 15.84 -16.64
CA LEU D 82 -18.42 16.20 -18.07
C LEU D 82 -19.62 15.49 -18.71
N THR D 83 -20.58 16.29 -19.22
CA THR D 83 -21.82 15.85 -19.83
C THR D 83 -21.82 16.27 -21.28
N LYS D 84 -21.95 15.30 -22.20
CA LYS D 84 -21.87 15.57 -23.63
C LYS D 84 -22.92 14.82 -24.44
N GLU D 85 -23.21 15.35 -25.62
CA GLU D 85 -24.08 14.75 -26.61
C GLU D 85 -23.28 13.75 -27.46
N ILE D 86 -23.98 12.77 -28.06
CA ILE D 86 -23.37 11.83 -28.99
C ILE D 86 -23.00 12.63 -30.26
N VAL D 87 -21.86 12.31 -30.89
CA VAL D 87 -21.44 12.95 -32.13
C VAL D 87 -21.98 12.06 -33.25
N THR D 88 -23.00 12.56 -33.96
CA THR D 88 -23.68 11.80 -35.02
C THR D 88 -22.85 11.82 -36.31
N MSE D 89 -23.23 10.96 -37.28
CA MSE D 89 -22.56 10.79 -38.58
C MSE D 89 -22.53 12.10 -39.41
O MSE D 89 -21.52 12.39 -40.06
CB MSE D 89 -23.26 9.71 -39.43
CG MSE D 89 -22.97 8.28 -39.00
SE MSE D 89 -23.53 7.03 -40.42
CE MSE D 89 -23.71 5.37 -39.39
N ASP D 90 -23.66 12.86 -39.38
CA ASP D 90 -23.92 14.10 -40.11
C ASP D 90 -23.11 15.32 -39.58
N ASP D 91 -22.57 15.25 -38.33
CA ASP D 91 -21.80 16.33 -37.69
CA ASP D 91 -21.80 16.33 -37.69
C ASP D 91 -20.53 16.67 -38.48
N GLU D 92 -20.27 17.98 -38.69
CA GLU D 92 -19.09 18.45 -39.45
C GLU D 92 -17.82 18.39 -38.59
N GLU D 93 -18.00 18.23 -37.27
CA GLU D 93 -16.94 18.09 -36.28
C GLU D 93 -16.58 16.60 -36.13
N ASN D 94 -17.40 15.69 -36.69
CA ASN D 94 -17.18 14.25 -36.71
C ASN D 94 -16.13 13.89 -37.79
N THR D 95 -14.90 14.41 -37.63
CA THR D 95 -13.79 14.10 -38.52
C THR D 95 -12.79 13.32 -37.70
N GLU D 96 -12.07 12.38 -38.32
CA GLU D 96 -11.04 11.58 -37.65
C GLU D 96 -10.00 12.48 -36.95
N GLU D 97 -9.60 13.60 -37.59
CA GLU D 97 -8.61 14.54 -37.09
C GLU D 97 -9.10 15.23 -35.80
N LYS D 98 -10.35 15.74 -35.79
CA LYS D 98 -10.91 16.43 -34.62
C LYS D 98 -11.22 15.45 -33.48
N ILE D 99 -11.88 14.31 -33.79
CA ILE D 99 -12.30 13.32 -32.81
C ILE D 99 -11.07 12.58 -32.21
N GLY D 100 -10.09 12.27 -33.05
CA GLY D 100 -8.88 11.56 -32.64
C GLY D 100 -9.11 10.09 -32.35
N ASP D 101 -8.02 9.34 -32.14
CA ASP D 101 -8.14 7.93 -31.81
C ASP D 101 -6.96 7.47 -30.94
N ASP D 102 -6.72 8.24 -29.87
CA ASP D 102 -5.70 7.96 -28.88
C ASP D 102 -6.21 6.88 -27.91
N LYS D 103 -5.30 6.20 -27.23
CA LYS D 103 -5.64 5.12 -26.33
C LYS D 103 -6.36 5.59 -25.09
N ILE D 104 -7.32 4.78 -24.62
CA ILE D 104 -8.09 5.05 -23.41
C ILE D 104 -8.65 3.74 -22.88
N ASN D 105 -8.74 3.62 -21.57
CA ASN D 105 -9.36 2.47 -20.93
C ASN D 105 -10.75 2.86 -20.44
N ALA D 106 -11.73 1.99 -20.68
CA ALA D 106 -13.09 2.11 -20.15
C ALA D 106 -13.13 1.14 -18.97
N THR D 107 -12.82 1.63 -17.78
CA THR D 107 -12.71 0.83 -16.56
C THR D 107 -14.08 0.24 -16.14
N TYR D 108 -15.12 1.08 -16.22
CA TYR D 108 -16.47 0.72 -15.83
C TYR D 108 -17.47 1.60 -16.56
N MSE D 109 -18.53 0.97 -17.07
CA MSE D 109 -19.58 1.65 -17.84
C MSE D 109 -20.97 1.19 -17.44
O MSE D 109 -21.19 -0.01 -17.29
CB MSE D 109 -19.39 1.38 -19.37
CG MSE D 109 -18.04 1.79 -19.90
SE MSE D 109 -18.04 1.95 -21.84
CE MSE D 109 -17.94 0.13 -22.27
N TRP D 110 -21.94 2.12 -17.34
CA TRP D 110 -23.33 1.76 -17.04
C TRP D 110 -24.30 2.78 -17.63
N ILE D 111 -25.52 2.31 -17.94
CA ILE D 111 -26.58 3.14 -18.48
C ILE D 111 -27.59 3.36 -17.35
N SER D 112 -28.09 4.61 -17.17
CA SER D 112 -29.08 4.95 -16.15
C SER D 112 -30.43 4.23 -16.48
N LYS D 113 -31.28 3.99 -15.45
CA LYS D 113 -32.57 3.27 -15.58
C LYS D 113 -33.46 3.87 -16.71
N ASP D 114 -33.51 5.21 -16.79
CA ASP D 114 -34.30 5.96 -17.78
C ASP D 114 -33.69 5.89 -19.21
N LYS D 115 -32.48 5.28 -19.37
CA LYS D 115 -31.74 5.10 -20.63
C LYS D 115 -31.33 6.47 -21.22
N LYS D 116 -31.16 7.49 -20.37
CA LYS D 116 -30.80 8.84 -20.79
C LYS D 116 -29.30 9.06 -20.84
N TYR D 117 -28.54 8.27 -20.07
CA TYR D 117 -27.09 8.43 -19.97
C TYR D 117 -26.33 7.15 -20.04
N LEU D 118 -25.15 7.23 -20.65
CA LEU D 118 -24.10 6.24 -20.57
C LEU D 118 -22.97 6.93 -19.81
N THR D 119 -22.59 6.39 -18.66
CA THR D 119 -21.48 6.97 -17.91
C THR D 119 -20.30 6.03 -18.01
N ILE D 120 -19.10 6.62 -18.19
CA ILE D 120 -17.87 5.86 -18.30
C ILE D 120 -16.85 6.35 -17.27
N GLU D 121 -16.33 5.38 -16.50
CA GLU D 121 -15.18 5.54 -15.63
C GLU D 121 -13.98 5.17 -16.50
N PHE D 122 -13.12 6.14 -16.80
CA PHE D 122 -12.02 5.92 -17.74
C PHE D 122 -10.67 6.18 -17.13
N GLN D 123 -9.62 5.74 -17.83
CA GLN D 123 -8.27 6.04 -17.42
C GLN D 123 -7.40 6.17 -18.64
N TYR D 124 -6.52 7.15 -18.60
CA TYR D 124 -5.57 7.40 -19.66
C TYR D 124 -4.30 8.05 -19.09
N TYR D 125 -3.25 8.15 -19.91
CA TYR D 125 -1.98 8.78 -19.56
C TYR D 125 -1.95 10.22 -20.03
N SER D 126 -1.51 11.13 -19.16
CA SER D 126 -1.42 12.57 -19.45
C SER D 126 -0.28 13.21 -18.65
N THR D 127 -0.11 14.52 -18.82
CA THR D 127 0.91 15.30 -18.10
C THR D 127 0.27 15.93 -16.85
N HIS D 128 -1.06 15.72 -16.64
CA HIS D 128 -1.84 16.24 -15.50
C HIS D 128 -1.76 17.78 -15.43
N SER D 129 -2.00 18.45 -16.58
CA SER D 129 -1.95 19.91 -16.64
C SER D 129 -3.26 20.47 -17.18
N GLU D 130 -3.76 21.54 -16.51
CA GLU D 130 -5.01 22.23 -16.84
C GLU D 130 -4.92 22.90 -18.22
N ASP D 131 -3.69 23.33 -18.60
CA ASP D 131 -3.41 23.97 -19.88
CA ASP D 131 -3.39 23.95 -19.88
C ASP D 131 -3.61 22.98 -21.05
N LYS D 132 -3.44 21.64 -20.79
CA LYS D 132 -3.58 20.55 -21.77
C LYS D 132 -4.87 19.77 -21.60
N LYS D 133 -5.87 20.15 -22.36
CA LYS D 133 -7.18 19.51 -22.30
C LYS D 133 -7.29 18.37 -23.32
N HIS D 134 -7.87 17.25 -22.84
CA HIS D 134 -8.14 16.03 -23.61
C HIS D 134 -9.59 16.10 -24.06
N PHE D 135 -9.90 15.50 -25.22
CA PHE D 135 -11.22 15.55 -25.85
CA PHE D 135 -11.25 15.55 -25.72
C PHE D 135 -11.82 14.15 -25.87
N LEU D 136 -12.97 13.96 -25.21
CA LEU D 136 -13.67 12.68 -25.13
C LEU D 136 -14.98 12.76 -25.84
N ASN D 137 -15.32 11.72 -26.63
CA ASN D 137 -16.55 11.71 -27.41
C ASN D 137 -17.15 10.33 -27.52
N LEU D 138 -18.48 10.28 -27.74
CA LEU D 138 -19.24 9.07 -28.01
C LEU D 138 -19.78 9.29 -29.41
N VAL D 139 -19.22 8.56 -30.37
CA VAL D 139 -19.40 8.79 -31.79
C VAL D 139 -20.12 7.65 -32.52
N ILE D 140 -20.97 8.03 -33.49
CA ILE D 140 -21.58 7.14 -34.48
C ILE D 140 -20.62 7.23 -35.67
N ASN D 141 -19.92 6.12 -36.03
CA ASN D 141 -18.92 6.14 -37.11
C ASN D 141 -19.57 6.41 -38.47
N ASN D 142 -19.10 7.50 -39.15
CA ASN D 142 -19.62 8.01 -40.43
C ASN D 142 -19.20 7.17 -41.68
N LYS D 143 -18.13 6.35 -41.59
CA LYS D 143 -17.71 5.44 -42.66
C LYS D 143 -18.31 4.04 -42.39
N THR D 155 -21.17 -6.73 -36.31
CA THR D 155 -21.24 -7.19 -34.92
C THR D 155 -22.71 -7.62 -34.61
N ASP D 156 -23.14 -7.55 -33.32
CA ASP D 156 -24.50 -7.94 -32.87
C ASP D 156 -25.53 -6.85 -33.21
N ASP D 157 -26.64 -7.28 -33.84
CA ASP D 157 -27.75 -6.42 -34.28
C ASP D 157 -28.63 -5.93 -33.11
N GLU D 158 -28.54 -6.55 -31.92
CA GLU D 158 -29.34 -6.14 -30.74
C GLU D 158 -28.66 -4.96 -29.99
N TYR D 159 -27.44 -4.58 -30.39
CA TYR D 159 -26.65 -3.53 -29.76
C TYR D 159 -26.35 -2.40 -30.73
N ILE D 160 -26.48 -1.14 -30.26
CA ILE D 160 -26.19 0.04 -31.07
C ILE D 160 -24.69 0.30 -30.99
N ASN D 161 -24.01 0.29 -32.14
CA ASN D 161 -22.57 0.50 -32.23
C ASN D 161 -22.21 1.97 -32.06
N LEU D 162 -21.35 2.25 -31.07
CA LEU D 162 -20.83 3.57 -30.76
C LEU D 162 -19.33 3.45 -30.48
N GLU D 163 -18.60 4.56 -30.57
CA GLU D 163 -17.16 4.56 -30.32
C GLU D 163 -16.82 5.60 -29.26
N PHE D 164 -16.17 5.16 -28.18
CA PHE D 164 -15.72 6.04 -27.12
C PHE D 164 -14.31 6.46 -27.50
N ARG D 165 -14.22 7.63 -28.15
CA ARG D 165 -12.97 8.14 -28.70
C ARG D 165 -12.29 9.14 -27.78
N HIS D 166 -10.94 9.18 -27.88
CA HIS D 166 -10.09 10.05 -27.09
C HIS D 166 -9.10 10.78 -27.99
N ASN D 167 -9.05 12.10 -27.84
CA ASN D 167 -8.06 12.95 -28.47
C ASN D 167 -7.23 13.54 -27.34
N SER D 168 -5.97 13.09 -27.23
CA SER D 168 -5.05 13.51 -26.18
C SER D 168 -4.40 14.86 -26.55
N GLU D 169 -4.63 15.33 -27.79
CA GLU D 169 -4.14 16.61 -28.31
C GLU D 169 -2.62 16.74 -28.17
N ARG D 170 -1.91 15.63 -28.48
CA ARG D 170 -0.46 15.46 -28.49
C ARG D 170 0.14 15.47 -27.08
N ASP D 171 -0.68 15.46 -26.01
CA ASP D 171 -0.19 15.46 -24.62
C ASP D 171 0.65 14.22 -24.35
N SER D 172 1.83 14.39 -23.72
CA SER D 172 2.72 13.26 -23.42
C SER D 172 2.03 12.29 -22.48
N PRO D 173 2.06 10.98 -22.80
CA PRO D 173 1.37 9.99 -21.95
C PRO D 173 2.25 9.62 -20.74
N ASP D 174 2.44 10.57 -19.83
CA ASP D 174 3.38 10.42 -18.73
C ASP D 174 2.80 9.76 -17.47
N HIS D 175 1.60 10.16 -17.03
CA HIS D 175 1.03 9.67 -15.78
C HIS D 175 -0.39 9.21 -15.96
N LEU D 176 -0.71 8.08 -15.34
CA LEU D 176 -2.04 7.50 -15.37
C LEU D 176 -2.97 8.27 -14.45
N GLY D 177 -4.14 8.59 -14.97
CA GLY D 177 -5.19 9.31 -14.25
C GLY D 177 -6.54 8.72 -14.56
N GLU D 178 -7.53 9.01 -13.72
CA GLU D 178 -8.88 8.48 -13.83
C GLU D 178 -9.88 9.62 -13.86
N GLY D 179 -11.05 9.35 -14.43
CA GLY D 179 -12.14 10.30 -14.46
C GLY D 179 -13.45 9.67 -14.86
N TYR D 180 -14.47 10.54 -14.99
CA TYR D 180 -15.82 10.18 -15.40
C TYR D 180 -16.30 11.10 -16.49
N VAL D 181 -17.05 10.55 -17.41
CA VAL D 181 -17.71 11.29 -18.49
C VAL D 181 -19.08 10.64 -18.66
N SER D 182 -20.10 11.47 -18.85
CA SER D 182 -21.48 11.03 -19.00
C SER D 182 -21.99 11.52 -20.33
N PHE D 183 -22.51 10.60 -21.16
CA PHE D 183 -23.03 10.98 -22.46
C PHE D 183 -24.54 10.84 -22.50
N LYS D 184 -25.22 11.89 -23.00
CA LYS D 184 -26.65 11.90 -23.23
C LYS D 184 -26.93 10.96 -24.39
N LEU D 185 -27.94 10.08 -24.26
CA LEU D 185 -28.25 9.11 -25.32
C LEU D 185 -29.44 9.56 -26.19
N ASP D 186 -29.89 10.82 -26.04
CA ASP D 186 -31.05 11.37 -26.76
C ASP D 186 -30.92 11.36 -28.29
N LYS D 187 -29.70 11.41 -28.85
CA LYS D 187 -29.53 11.42 -30.31
C LYS D 187 -29.72 10.03 -30.93
N ILE D 188 -29.80 8.97 -30.11
CA ILE D 188 -30.04 7.60 -30.57
C ILE D 188 -31.33 7.02 -29.91
N GLU D 189 -32.14 7.91 -29.27
CA GLU D 189 -33.38 7.60 -28.54
C GLU D 189 -34.35 6.73 -29.38
N GLU D 190 -34.49 6.99 -30.68
CA GLU D 190 -35.40 6.25 -31.55
C GLU D 190 -34.93 4.80 -31.78
N GLN D 191 -33.61 4.57 -31.74
CA GLN D 191 -33.00 3.25 -31.97
C GLN D 191 -33.00 2.37 -30.73
N ILE D 192 -33.05 2.97 -29.52
CA ILE D 192 -32.99 2.30 -28.21
C ILE D 192 -34.11 1.25 -28.07
N GLU D 193 -35.32 1.61 -28.52
CA GLU D 193 -36.53 0.79 -28.48
C GLU D 193 -36.28 -0.54 -29.24
N GLY D 194 -36.32 -1.65 -28.49
CA GLY D 194 -36.13 -3.00 -29.00
C GLY D 194 -34.70 -3.50 -29.03
N LYS D 195 -33.76 -2.77 -28.39
CA LYS D 195 -32.33 -3.14 -28.33
C LYS D 195 -31.92 -3.61 -26.95
N LYS D 196 -30.94 -4.55 -26.88
CA LYS D 196 -30.41 -5.05 -25.60
C LYS D 196 -29.54 -4.00 -24.92
N GLY D 197 -28.77 -3.24 -25.72
CA GLY D 197 -27.89 -2.21 -25.21
C GLY D 197 -27.04 -1.53 -26.23
N LEU D 198 -25.83 -1.14 -25.81
CA LEU D 198 -24.85 -0.45 -26.65
C LEU D 198 -23.60 -1.27 -26.82
N ASN D 199 -22.97 -1.19 -27.99
CA ASN D 199 -21.70 -1.85 -28.26
C ASN D 199 -20.66 -0.74 -28.42
N ILE D 200 -19.75 -0.65 -27.44
CA ILE D 200 -18.78 0.44 -27.37
C ILE D 200 -17.38 0.00 -27.84
N ARG D 201 -16.91 0.60 -28.94
CA ARG D 201 -15.57 0.38 -29.47
C ARG D 201 -14.60 1.26 -28.68
N VAL D 202 -13.54 0.63 -28.16
CA VAL D 202 -12.53 1.34 -27.36
C VAL D 202 -11.13 0.93 -27.85
N ARG D 203 -10.24 1.92 -28.13
CA ARG D 203 -8.83 1.62 -28.41
C ARG D 203 -8.18 1.64 -27.03
N THR D 204 -8.06 0.46 -26.40
CA THR D 204 -7.60 0.31 -25.01
C THR D 204 -6.14 0.71 -24.82
N LEU D 205 -5.75 0.91 -23.56
CA LEU D 205 -4.39 1.31 -23.21
C LEU D 205 -3.35 0.24 -23.53
N TYR D 206 -3.68 -1.07 -23.31
CA TYR D 206 -2.70 -2.16 -23.53
C TYR D 206 -3.18 -3.33 -24.40
N ASP D 207 -4.48 -3.41 -24.76
CA ASP D 207 -4.97 -4.62 -25.45
C ASP D 207 -5.60 -4.40 -26.83
N GLY D 208 -5.25 -3.32 -27.52
CA GLY D 208 -5.78 -3.04 -28.84
C GLY D 208 -7.24 -2.64 -28.83
N ILE D 209 -7.92 -2.77 -29.97
CA ILE D 209 -9.32 -2.41 -30.10
C ILE D 209 -10.20 -3.49 -29.48
N LYS D 210 -11.05 -3.09 -28.54
CA LYS D 210 -12.03 -3.94 -27.86
C LYS D 210 -13.44 -3.38 -28.08
N ASN D 211 -14.45 -4.26 -28.09
CA ASN D 211 -15.87 -3.90 -28.22
C ASN D 211 -16.58 -4.40 -27.00
N TYR D 212 -17.08 -3.46 -26.17
CA TYR D 212 -17.75 -3.79 -24.92
C TYR D 212 -19.25 -3.61 -25.02
N LYS D 213 -20.01 -4.63 -24.65
CA LYS D 213 -21.47 -4.57 -24.64
C LYS D 213 -21.95 -4.07 -23.30
N VAL D 214 -22.75 -2.99 -23.32
CA VAL D 214 -23.32 -2.34 -22.13
C VAL D 214 -24.83 -2.50 -22.22
N GLN D 215 -25.41 -3.22 -21.26
CA GLN D 215 -26.83 -3.52 -21.26
C GLN D 215 -27.68 -2.38 -20.76
N PHE D 216 -28.88 -2.22 -21.36
CA PHE D 216 -29.89 -1.28 -20.87
C PHE D 216 -30.48 -1.89 -19.59
N PRO D 217 -30.65 -1.13 -18.48
CA PRO D 217 -31.23 -1.74 -17.27
C PRO D 217 -32.70 -2.22 -17.45
C1 EDO E . -28.11 -8.54 -12.22
O1 EDO E . -29.46 -8.92 -12.25
C2 EDO E . -27.53 -8.92 -10.86
O2 EDO E . -27.65 -10.32 -10.76
C1 EDO F . -4.86 -16.28 -2.98
O1 EDO F . -3.58 -16.85 -2.62
C2 EDO F . -5.78 -16.19 -1.73
O2 EDO F . -6.55 -14.99 -1.79
C1 EDO G . -5.78 -12.41 -4.33
O1 EDO G . -5.31 -11.18 -3.79
C2 EDO G . -7.19 -12.74 -3.77
O2 EDO G . -8.05 -11.65 -3.96
C1 EDO H . -19.64 -2.91 -17.12
O1 EDO H . -18.38 -2.24 -17.19
C2 EDO H . -19.44 -4.45 -17.10
O2 EDO H . -19.82 -5.01 -15.83
C1 EDO I . -6.06 -31.17 23.09
O1 EDO I . -7.22 -31.79 23.62
C2 EDO I . -5.84 -29.82 23.82
O2 EDO I . -7.02 -29.01 23.84
C1 EDO J . -18.52 -0.11 7.45
O1 EDO J . -18.46 1.29 7.68
C2 EDO J . -19.96 -0.54 7.08
O2 EDO J . -20.85 -0.46 8.17
C1 IPA K . -5.02 -35.54 16.08
C2 IPA K . -6.22 -35.36 17.01
C3 IPA K . -5.91 -35.83 18.44
O2 IPA K . -6.48 -34.00 17.15
C1 GOL L . -20.82 3.68 -9.27
O1 GOL L . -21.47 2.84 -10.23
C2 GOL L . -20.03 4.77 -9.95
O2 GOL L . -18.63 4.55 -9.79
C3 GOL L . -20.40 6.17 -9.50
O3 GOL L . -20.22 6.36 -8.10
C1 EDO M . 2.49 -23.83 -0.90
O1 EDO M . 3.38 -24.42 -1.84
C2 EDO M . 1.57 -24.92 -0.34
O2 EDO M . 0.92 -25.54 -1.43
C1 EDO N . 15.42 -3.01 0.07
O1 EDO N . 14.83 -1.76 -0.30
C2 EDO N . 14.33 -4.11 0.12
O2 EDO N . 13.81 -4.28 1.44
C1 EDO O . 9.87 -5.04 1.06
O1 EDO O . 11.19 -5.45 1.34
C2 EDO O . 9.47 -3.82 1.92
O2 EDO O . 10.25 -2.68 1.59
C1 EDO P . -7.17 -17.07 7.22
O1 EDO P . -5.78 -17.33 7.05
C2 EDO P . -7.45 -16.03 8.33
O2 EDO P . -7.02 -14.74 7.93
C1 EDO Q . 10.12 -16.77 14.27
O1 EDO Q . 11.17 -16.19 15.04
C2 EDO Q . 10.46 -18.23 13.87
O2 EDO Q . 10.66 -19.00 15.04
C1 EDO R . 38.73 -17.00 2.93
O1 EDO R . 39.12 -16.38 1.71
C2 EDO R . 39.52 -16.40 4.11
O2 EDO R . 39.43 -14.98 4.07
C1 EDO S . 42.88 -4.95 10.30
O1 EDO S . 42.89 -6.13 9.49
C2 EDO S . 41.42 -4.58 10.63
O2 EDO S . 40.88 -5.55 11.54
C1 EDO T . 17.12 45.92 13.98
O1 EDO T . 17.39 45.62 12.61
C2 EDO T . 17.02 44.62 14.79
O2 EDO T . 18.30 44.03 14.91
C1 EDO U . 32.78 28.33 13.91
O1 EDO U . 33.21 27.09 13.34
C2 EDO U . 33.86 28.99 14.81
O2 EDO U . 34.12 28.25 16.00
C1 IPA V . 22.69 2.45 -5.72
C2 IPA V . 21.86 3.33 -4.80
C3 IPA V . 22.69 3.71 -3.57
O2 IPA V . 21.59 4.54 -5.44
C1 IPA W . 34.80 33.76 18.93
C2 IPA W . 35.98 33.36 18.05
C3 IPA W . 35.75 32.02 17.34
O2 IPA W . 36.06 34.28 17.03
C1 EDO X . -15.11 -3.43 -18.94
O1 EDO X . -14.87 -3.55 -17.54
C2 EDO X . -15.63 -2.02 -19.24
O2 EDO X . -16.84 -2.07 -19.94
C1 IPA Y . -14.67 7.77 -38.70
C2 IPA Y . -14.89 8.79 -37.58
C3 IPA Y . -14.59 10.18 -38.12
O2 IPA Y . -16.24 8.87 -37.25
C1 IPA Z . -7.97 11.06 -16.61
C2 IPA Z . -7.69 12.54 -16.39
C3 IPA Z . -8.75 13.17 -15.49
O2 IPA Z . -6.47 12.71 -15.73
#